data_9HI0
#
_entry.id   9HI0
#
_cell.length_a   136.358
_cell.length_b   46.3
_cell.length_c   110.727
_cell.angle_alpha   90
_cell.angle_beta   90
_cell.angle_gamma   90
#
_symmetry.space_group_name_H-M   'P 21 21 21'
#
loop_
_entity.id
_entity.type
_entity.pdbx_description
1 polymer 'UDP-glucose 4-epimerase'
2 non-polymer 1,2-ETHANEDIOL
3 non-polymer NICOTINAMIDE-ADENINE-DINUCLEOTIDE
4 non-polymer 3-[(5-methyl-1,2-oxazol-3-yl)carbamoylamino]-~{N}-pyridin-4-yl-propanamide
5 non-polymer D-MALATE
6 water water
#
_entity_poly.entity_id   1
_entity_poly.type   'polypeptide(L)'
_entity_poly.pdbx_seq_one_letter_code
;AEKVLVTGGAGYIGSHTVLELLEAGYLPVVIDNFHNAFRGGGSLPESLRRVQELTGRSVEFEEMDILDQGALQRLFKKYS
FMAVIHFAGLKAVGESVQKPLDYYRVNLTGTIQLLEIMKAHGVKNLVFSSSATVYGNPQYLPLDEAHPTGGCTNPYGKSK
FFIEEMIRDLCQADKTWNAVLLRYFNPTGAHASGCIGEDPQGIPNNLMPYVSQVAIGRREALNVFGNDYDTEDGTGVRDY
IHVVDLAKGHIAALRKLKEQCGCRIYNLGTGTGYSVLQMVQAMEKASGKKIPYKVVARREGDVAACYANPSLAQEELGWT
AALGLDRMCEDLWRWQKQNPSGFGS
;
_entity_poly.pdbx_strand_id   B,A
#
# COMPACT_ATOMS: atom_id res chain seq x y z
N ALA A 1 -8.65 21.30 -5.54
CA ALA A 1 -7.79 20.40 -4.74
C ALA A 1 -8.05 20.57 -3.24
N GLU A 2 -8.99 19.80 -2.66
CA GLU A 2 -9.14 19.87 -1.21
C GLU A 2 -8.11 18.96 -0.53
N LYS A 3 -7.62 19.39 0.64
CA LYS A 3 -6.56 18.69 1.35
C LYS A 3 -7.04 18.07 2.66
N VAL A 4 -6.20 17.18 3.22
CA VAL A 4 -6.47 16.54 4.51
C VAL A 4 -5.41 17.03 5.50
N LEU A 5 -5.84 17.67 6.58
CA LEU A 5 -4.94 18.15 7.62
C LEU A 5 -4.62 16.97 8.52
N VAL A 6 -3.33 16.71 8.78
CA VAL A 6 -2.91 15.71 9.75
C VAL A 6 -2.17 16.43 10.88
N THR A 7 -2.80 16.52 12.06
CA THR A 7 -2.10 17.13 13.18
C THR A 7 -1.22 16.07 13.84
N GLY A 8 -0.02 16.47 14.29
CA GLY A 8 0.87 15.50 14.91
C GLY A 8 1.39 14.48 13.89
N GLY A 9 1.44 14.88 12.61
CA GLY A 9 1.73 13.95 11.53
C GLY A 9 3.19 13.59 11.38
N ALA A 10 4.13 14.21 12.14
CA ALA A 10 5.54 13.83 12.14
C ALA A 10 5.83 12.61 13.02
N GLY A 11 4.93 12.26 13.94
CA GLY A 11 5.14 11.22 14.93
C GLY A 11 4.90 9.82 14.37
N TYR A 12 4.82 8.86 15.29
CA TYR A 12 4.85 7.46 14.87
C TYR A 12 3.62 7.07 14.04
N ILE A 13 2.42 7.16 14.63
CA ILE A 13 1.23 6.75 13.91
C ILE A 13 0.92 7.72 12.77
N GLY A 14 1.14 9.00 13.02
CA GLY A 14 0.89 10.05 12.06
C GLY A 14 1.71 9.90 10.77
N SER A 15 3.01 9.60 10.90
CA SER A 15 3.84 9.48 9.70
C SER A 15 3.40 8.29 8.85
N HIS A 16 3.03 7.17 9.48
CA HIS A 16 2.52 6.03 8.75
C HIS A 16 1.18 6.35 8.06
N THR A 17 0.36 7.18 8.72
CA THR A 17 -0.92 7.58 8.17
C THR A 17 -0.74 8.55 7.00
N VAL A 18 0.22 9.48 7.08
CA VAL A 18 0.53 10.34 5.94
C VAL A 18 0.92 9.50 4.72
N LEU A 19 1.75 8.46 4.93
CA LEU A 19 2.09 7.55 3.85
C LEU A 19 0.84 6.90 3.25
N GLU A 20 -0.06 6.37 4.10
CA GLU A 20 -1.29 5.73 3.61
C GLU A 20 -2.21 6.72 2.88
N LEU A 21 -2.26 7.98 3.34
CA LEU A 21 -3.04 9.01 2.64
C LEU A 21 -2.54 9.20 1.20
N LEU A 22 -1.22 9.30 1.02
CA LEU A 22 -0.65 9.50 -0.29
C LEU A 22 -0.95 8.27 -1.17
N GLU A 23 -0.84 7.08 -0.60
CA GLU A 23 -1.11 5.84 -1.36
C GLU A 23 -2.58 5.71 -1.77
N ALA A 24 -3.49 6.36 -1.02
CA ALA A 24 -4.92 6.32 -1.29
C ALA A 24 -5.40 7.50 -2.14
N GLY A 25 -4.47 8.36 -2.60
CA GLY A 25 -4.77 9.48 -3.48
C GLY A 25 -5.21 10.80 -2.82
N TYR A 26 -4.94 11.01 -1.53
CA TYR A 26 -5.22 12.25 -0.83
C TYR A 26 -3.99 13.16 -0.81
N LEU A 27 -4.24 14.47 -0.59
CA LEU A 27 -3.20 15.49 -0.51
C LEU A 27 -3.03 15.94 0.95
N PRO A 28 -1.97 15.49 1.67
CA PRO A 28 -1.82 15.78 3.09
C PRO A 28 -1.10 17.08 3.37
N VAL A 29 -1.56 17.79 4.39
CA VAL A 29 -0.82 18.89 4.99
C VAL A 29 -0.62 18.50 6.45
N VAL A 30 0.62 18.54 6.92
CA VAL A 30 0.94 18.13 8.28
C VAL A 30 1.29 19.34 9.13
N ILE A 31 0.82 19.35 10.40
CA ILE A 31 1.37 20.26 11.40
C ILE A 31 1.95 19.47 12.57
N ASP A 32 3.05 19.95 13.12
CA ASP A 32 3.72 19.34 14.25
C ASP A 32 4.59 20.40 14.94
N ASN A 33 4.77 20.30 16.26
CA ASN A 33 5.65 21.22 16.97
C ASN A 33 6.98 20.59 17.40
N PHE A 34 7.23 19.35 16.95
CA PHE A 34 8.43 18.58 17.27
C PHE A 34 8.61 18.32 18.77
N HIS A 35 7.51 18.30 19.54
CA HIS A 35 7.61 17.88 20.93
C HIS A 35 8.21 16.47 21.03
N ASN A 36 7.78 15.59 20.12
CA ASN A 36 8.20 14.18 20.16
C ASN A 36 8.43 13.62 18.76
N ALA A 37 9.14 14.37 17.90
CA ALA A 37 9.52 13.97 16.56
C ALA A 37 10.88 14.53 16.23
N PHE A 38 11.57 13.88 15.29
CA PHE A 38 12.94 14.23 14.89
C PHE A 38 12.97 15.19 13.70
N ARG A 39 13.76 16.24 13.80
CA ARG A 39 13.95 17.17 12.68
C ARG A 39 14.88 16.56 11.64
N GLY A 40 14.57 16.74 10.37
CA GLY A 40 15.50 16.38 9.32
C GLY A 40 16.48 17.51 9.00
N GLY A 41 17.40 17.24 8.08
CA GLY A 41 18.42 18.20 7.68
C GLY A 41 17.90 19.34 6.81
N GLY A 42 16.66 19.21 6.28
CA GLY A 42 15.96 20.31 5.63
C GLY A 42 14.71 20.71 6.39
N SER A 43 13.68 21.21 5.68
CA SER A 43 12.52 21.74 6.37
C SER A 43 11.63 20.63 6.94
N LEU A 44 11.60 19.46 6.29
CA LEU A 44 10.71 18.42 6.73
C LEU A 44 11.24 17.68 7.96
N PRO A 45 10.34 17.18 8.84
CA PRO A 45 10.74 16.10 9.73
C PRO A 45 11.37 14.95 8.93
N GLU A 46 12.32 14.26 9.55
CA GLU A 46 12.97 13.14 8.88
C GLU A 46 11.94 12.08 8.46
N SER A 47 10.95 11.78 9.32
CA SER A 47 9.96 10.78 9.00
C SER A 47 9.30 11.11 7.66
N LEU A 48 8.88 12.37 7.50
CA LEU A 48 8.13 12.80 6.33
C LEU A 48 9.05 12.90 5.10
N ARG A 49 10.32 13.31 5.28
CA ARG A 49 11.25 13.31 4.15
C ARG A 49 11.34 11.90 3.58
N ARG A 50 11.38 10.88 4.45
CA ARG A 50 11.45 9.49 4.00
C ARG A 50 10.14 9.04 3.38
N VAL A 51 9.01 9.51 3.91
CA VAL A 51 7.72 9.22 3.28
C VAL A 51 7.67 9.72 1.84
N GLN A 52 8.19 10.92 1.59
CA GLN A 52 8.27 11.43 0.23
C GLN A 52 9.08 10.52 -0.70
N GLU A 53 10.20 9.97 -0.21
CA GLU A 53 11.01 9.02 -0.98
C GLU A 53 10.25 7.72 -1.24
N LEU A 54 9.56 7.19 -0.24
CA LEU A 54 8.85 5.92 -0.37
C LEU A 54 7.70 6.02 -1.36
N THR A 55 7.07 7.20 -1.47
CA THR A 55 5.84 7.35 -2.25
C THR A 55 6.09 8.02 -3.59
N GLY A 56 7.16 8.81 -3.72
CA GLY A 56 7.40 9.64 -4.88
C GLY A 56 6.58 10.92 -4.90
N ARG A 57 5.95 11.27 -3.76
CA ARG A 57 4.99 12.35 -3.70
C ARG A 57 5.41 13.35 -2.61
N SER A 58 4.89 14.59 -2.70
CA SER A 58 5.19 15.68 -1.77
C SER A 58 4.23 15.67 -0.58
N VAL A 59 4.79 16.07 0.57
CA VAL A 59 4.05 16.34 1.78
C VAL A 59 4.22 17.82 2.12
N GLU A 60 3.12 18.55 2.27
CA GLU A 60 3.19 19.92 2.75
C GLU A 60 3.27 19.90 4.28
N PHE A 61 4.09 20.79 4.85
CA PHE A 61 4.39 20.75 6.29
C PHE A 61 4.55 22.17 6.85
N GLU A 62 3.94 22.37 8.02
CA GLU A 62 4.02 23.64 8.75
C GLU A 62 4.38 23.32 10.20
N GLU A 63 5.48 23.89 10.71
CA GLU A 63 5.85 23.73 12.13
C GLU A 63 5.05 24.72 12.96
N MET A 64 4.16 24.23 13.84
CA MET A 64 3.35 25.08 14.67
C MET A 64 2.76 24.27 15.82
N ASP A 65 2.22 24.98 16.82
CA ASP A 65 1.62 24.37 17.99
C ASP A 65 0.11 24.47 17.88
N ILE A 66 -0.60 23.37 18.13
CA ILE A 66 -2.05 23.37 18.10
C ILE A 66 -2.68 24.29 19.15
N LEU A 67 -1.93 24.66 20.20
CA LEU A 67 -2.34 25.63 21.21
C LEU A 67 -2.33 27.09 20.71
N ASP A 68 -1.67 27.36 19.58
CA ASP A 68 -1.56 28.72 19.04
C ASP A 68 -2.76 29.03 18.15
N GLN A 69 -3.75 29.73 18.70
CA GLN A 69 -4.98 30.09 18.00
C GLN A 69 -4.69 30.88 16.72
N GLY A 70 -3.80 31.88 16.77
CA GLY A 70 -3.48 32.68 15.59
C GLY A 70 -2.87 31.85 14.45
N ALA A 71 -1.97 30.95 14.81
CA ALA A 71 -1.35 30.04 13.86
C ALA A 71 -2.38 29.14 13.19
N LEU A 72 -3.35 28.64 13.96
CA LEU A 72 -4.38 27.75 13.43
C LEU A 72 -5.32 28.51 12.49
N GLN A 73 -5.70 29.73 12.87
CA GLN A 73 -6.58 30.55 12.04
C GLN A 73 -5.91 30.80 10.70
N ARG A 74 -4.62 31.16 10.70
CA ARG A 74 -3.86 31.41 9.49
CA ARG A 74 -3.96 31.44 9.42
C ARG A 74 -3.80 30.15 8.60
N LEU A 75 -3.56 29.00 9.25
CA LEU A 75 -3.47 27.72 8.55
C LEU A 75 -4.74 27.41 7.76
N PHE A 76 -5.91 27.61 8.38
CA PHE A 76 -7.17 27.28 7.75
C PHE A 76 -7.55 28.30 6.66
N LYS A 77 -6.96 29.50 6.68
CA LYS A 77 -7.08 30.46 5.58
C LYS A 77 -6.16 30.13 4.40
N LYS A 78 -4.99 29.57 4.68
CA LYS A 78 -3.97 29.30 3.67
C LYS A 78 -4.25 28.03 2.86
N TYR A 79 -4.90 27.04 3.46
CA TYR A 79 -5.15 25.74 2.84
C TYR A 79 -6.65 25.49 2.86
N SER A 80 -7.15 24.76 1.86
CA SER A 80 -8.55 24.40 1.82
C SER A 80 -8.70 22.94 2.24
N PHE A 81 -9.17 22.69 3.47
CA PHE A 81 -9.26 21.34 4.00
C PHE A 81 -10.66 20.76 3.81
N MET A 82 -10.74 19.47 3.46
CA MET A 82 -11.97 18.69 3.44
C MET A 82 -12.21 17.94 4.75
N ALA A 83 -11.14 17.65 5.49
CA ALA A 83 -11.21 16.85 6.71
C ALA A 83 -9.94 17.07 7.52
N VAL A 84 -9.97 16.62 8.78
CA VAL A 84 -8.83 16.63 9.67
C VAL A 84 -8.70 15.26 10.33
N ILE A 85 -7.48 14.74 10.41
CA ILE A 85 -7.09 13.59 11.19
C ILE A 85 -6.25 14.13 12.34
N HIS A 86 -6.68 13.88 13.60
CA HIS A 86 -6.11 14.53 14.77
C HIS A 86 -5.29 13.56 15.63
N PHE A 87 -3.94 13.67 15.56
CA PHE A 87 -3.02 12.91 16.42
C PHE A 87 -2.21 13.80 17.38
N ALA A 88 -2.24 15.16 17.23
CA ALA A 88 -1.39 16.02 18.05
C ALA A 88 -1.82 15.97 19.51
N GLY A 89 -0.93 15.51 20.37
CA GLY A 89 -1.24 15.38 21.78
C GLY A 89 -0.09 14.73 22.54
N LEU A 90 -0.25 14.68 23.87
CA LEU A 90 0.65 13.93 24.73
C LEU A 90 0.03 12.56 25.02
N LYS A 91 0.84 11.51 25.11
CA LYS A 91 0.26 10.18 25.12
C LYS A 91 0.96 9.18 26.03
N ALA A 92 1.93 9.59 26.85
CA ALA A 92 2.58 8.66 27.77
C ALA A 92 1.79 8.53 29.08
N VAL A 93 1.20 7.34 29.31
CA VAL A 93 0.34 7.12 30.46
C VAL A 93 1.10 7.44 31.75
N GLY A 94 2.36 6.96 31.88
CA GLY A 94 3.06 7.17 33.13
C GLY A 94 3.41 8.63 33.38
N GLU A 95 3.68 9.35 32.30
CA GLU A 95 3.99 10.78 32.42
C GLU A 95 2.74 11.56 32.87
N SER A 96 1.54 11.15 32.44
CA SER A 96 0.32 11.89 32.71
C SER A 96 -0.01 11.88 34.22
N VAL A 97 0.42 10.84 34.94
CA VAL A 97 0.22 10.77 36.40
C VAL A 97 1.06 11.83 37.12
N GLN A 98 2.27 12.10 36.61
CA GLN A 98 3.21 13.06 37.20
C GLN A 98 2.92 14.50 36.78
N LYS A 99 2.43 14.71 35.55
CA LYS A 99 2.21 16.04 35.01
C LYS A 99 0.82 16.14 34.37
N PRO A 100 -0.24 15.99 35.17
CA PRO A 100 -1.60 15.97 34.64
C PRO A 100 -2.02 17.25 33.94
N LEU A 101 -1.60 18.40 34.48
CA LEU A 101 -2.05 19.66 33.86
C LEU A 101 -1.49 19.82 32.45
N ASP A 102 -0.27 19.32 32.17
CA ASP A 102 0.25 19.39 30.82
C ASP A 102 -0.63 18.57 29.86
N TYR A 103 -1.06 17.38 30.31
CA TYR A 103 -1.93 16.50 29.51
C TYR A 103 -3.28 17.18 29.23
N TYR A 104 -3.90 17.75 30.28
CA TYR A 104 -5.18 18.41 30.07
C TYR A 104 -5.04 19.63 29.17
N ARG A 105 -3.96 20.38 29.35
CA ARG A 105 -3.78 21.55 28.51
C ARG A 105 -3.61 21.17 27.03
N VAL A 106 -2.61 20.35 26.73
CA VAL A 106 -2.32 20.06 25.33
C VAL A 106 -3.50 19.32 24.71
N ASN A 107 -4.01 18.29 25.40
CA ASN A 107 -5.01 17.44 24.77
C ASN A 107 -6.39 18.12 24.72
N LEU A 108 -6.86 18.67 25.87
CA LEU A 108 -8.18 19.30 25.90
C LEU A 108 -8.17 20.68 25.22
N THR A 109 -7.29 21.62 25.66
CA THR A 109 -7.35 22.96 25.07
C THR A 109 -6.97 22.87 23.60
N GLY A 110 -5.98 22.03 23.26
CA GLY A 110 -5.60 21.89 21.85
C GLY A 110 -6.76 21.43 20.96
N THR A 111 -7.49 20.42 21.44
CA THR A 111 -8.58 19.85 20.66
C THR A 111 -9.75 20.86 20.58
N ILE A 112 -10.04 21.56 21.68
CA ILE A 112 -11.13 22.53 21.67
C ILE A 112 -10.82 23.62 20.63
N GLN A 113 -9.58 24.13 20.66
CA GLN A 113 -9.19 25.15 19.69
C GLN A 113 -9.30 24.64 18.26
N LEU A 114 -8.87 23.41 18.01
CA LEU A 114 -8.99 22.81 16.68
C LEU A 114 -10.45 22.75 16.22
N LEU A 115 -11.35 22.23 17.08
CA LEU A 115 -12.76 22.11 16.74
C LEU A 115 -13.37 23.48 16.45
N GLU A 116 -13.00 24.51 17.23
CA GLU A 116 -13.56 25.85 17.02
C GLU A 116 -13.11 26.42 15.66
N ILE A 117 -11.83 26.22 15.31
CA ILE A 117 -11.33 26.76 14.06
C ILE A 117 -11.94 25.99 12.88
N MET A 118 -12.05 24.67 13.02
CA MET A 118 -12.73 23.86 12.01
C MET A 118 -14.15 24.39 11.74
N LYS A 119 -14.91 24.62 12.81
CA LYS A 119 -16.25 25.18 12.71
C LYS A 119 -16.26 26.53 11.98
N ALA A 120 -15.33 27.40 12.37
CA ALA A 120 -15.23 28.72 11.82
C ALA A 120 -14.89 28.74 10.32
N HIS A 121 -14.31 27.66 9.78
CA HIS A 121 -13.94 27.57 8.37
C HIS A 121 -14.78 26.53 7.62
N GLY A 122 -15.83 26.03 8.29
CA GLY A 122 -16.77 25.08 7.68
C GLY A 122 -16.18 23.73 7.33
N VAL A 123 -15.15 23.29 8.08
CA VAL A 123 -14.57 21.96 7.93
C VAL A 123 -15.14 21.11 9.06
N LYS A 124 -16.14 20.26 8.75
CA LYS A 124 -16.92 19.57 9.76
CA LYS A 124 -16.88 19.56 9.80
C LYS A 124 -16.76 18.06 9.62
N ASN A 125 -15.56 17.61 9.26
CA ASN A 125 -15.25 16.20 9.04
C ASN A 125 -13.97 15.86 9.80
N LEU A 126 -14.08 14.96 10.79
CA LEU A 126 -12.97 14.67 11.72
C LEU A 126 -12.75 13.17 11.91
N VAL A 127 -11.48 12.76 11.86
CA VAL A 127 -11.06 11.48 12.42
C VAL A 127 -10.24 11.75 13.70
N PHE A 128 -10.74 11.26 14.83
CA PHE A 128 -10.09 11.44 16.11
C PHE A 128 -9.43 10.13 16.51
N SER A 129 -8.12 10.19 16.74
CA SER A 129 -7.33 9.05 17.16
C SER A 129 -7.45 8.91 18.69
N SER A 130 -8.39 8.07 19.14
CA SER A 130 -8.70 7.91 20.57
C SER A 130 -7.88 6.77 21.17
N SER A 131 -8.27 6.28 22.35
CA SER A 131 -7.54 5.23 23.06
C SER A 131 -8.56 4.28 23.69
N ALA A 132 -8.30 2.98 23.60
CA ALA A 132 -9.21 2.02 24.22
C ALA A 132 -9.04 2.02 25.74
N THR A 133 -8.12 2.81 26.29
CA THR A 133 -8.08 3.00 27.75
C THR A 133 -9.33 3.75 28.25
N VAL A 134 -10.12 4.37 27.35
CA VAL A 134 -11.37 5.00 27.79
C VAL A 134 -12.38 3.99 28.35
N TYR A 135 -12.21 2.68 28.07
CA TYR A 135 -13.11 1.66 28.62
C TYR A 135 -12.82 1.41 30.09
N GLY A 136 -11.68 1.89 30.61
CA GLY A 136 -11.27 1.53 31.96
C GLY A 136 -10.89 0.06 32.07
N ASN A 137 -10.90 -0.46 33.31
CA ASN A 137 -10.58 -1.87 33.53
C ASN A 137 -11.70 -2.72 32.94
N PRO A 138 -11.39 -3.78 32.16
CA PRO A 138 -12.44 -4.59 31.56
C PRO A 138 -13.47 -5.15 32.54
N GLN A 139 -14.73 -5.08 32.13
CA GLN A 139 -15.83 -5.73 32.85
C GLN A 139 -16.22 -7.01 32.14
N TYR A 140 -15.92 -7.10 30.85
CA TYR A 140 -16.07 -8.30 30.04
C TYR A 140 -15.07 -8.21 28.89
N LEU A 141 -14.80 -9.35 28.22
CA LEU A 141 -13.81 -9.40 27.15
C LEU A 141 -14.31 -10.25 26.01
N PRO A 142 -13.95 -9.94 24.76
CA PRO A 142 -13.21 -8.73 24.40
C PRO A 142 -14.04 -7.45 24.53
N LEU A 143 -13.36 -6.31 24.68
CA LEU A 143 -14.08 -5.04 24.78
C LEU A 143 -14.76 -4.70 23.46
N ASP A 144 -16.08 -4.46 23.50
CA ASP A 144 -16.80 -3.94 22.35
C ASP A 144 -17.27 -2.50 22.59
N GLU A 145 -17.90 -1.90 21.56
CA GLU A 145 -18.30 -0.52 21.63
C GLU A 145 -19.51 -0.27 22.55
N ALA A 146 -20.14 -1.32 23.06
CA ALA A 146 -21.18 -1.19 24.06
C ALA A 146 -20.62 -1.16 25.50
N HIS A 147 -19.32 -1.40 25.66
CA HIS A 147 -18.74 -1.51 27.01
C HIS A 147 -18.74 -0.13 27.67
N PRO A 148 -18.97 -0.03 29.00
CA PRO A 148 -18.90 1.25 29.71
C PRO A 148 -17.61 2.00 29.45
N THR A 149 -17.73 3.33 29.33
CA THR A 149 -16.57 4.19 29.22
C THR A 149 -16.56 5.20 30.37
N GLY A 150 -15.37 5.68 30.69
CA GLY A 150 -15.20 6.70 31.71
C GLY A 150 -14.66 6.17 33.02
N GLY A 151 -14.42 4.87 33.19
CA GLY A 151 -13.90 4.51 34.50
C GLY A 151 -12.36 4.64 34.60
N CYS A 152 -11.78 5.74 34.11
CA CYS A 152 -10.39 5.72 33.67
C CYS A 152 -9.43 5.89 34.86
N THR A 153 -8.24 5.28 34.73
CA THR A 153 -7.36 5.05 35.85
C THR A 153 -6.20 6.05 35.83
N ASN A 154 -6.15 6.97 34.87
CA ASN A 154 -5.02 7.87 34.78
C ASN A 154 -5.40 9.06 33.92
N PRO A 155 -4.69 10.19 34.11
CA PRO A 155 -5.07 11.42 33.42
C PRO A 155 -5.05 11.38 31.88
N TYR A 156 -4.12 10.61 31.31
CA TYR A 156 -4.12 10.47 29.85
C TYR A 156 -5.46 9.88 29.39
N GLY A 157 -5.85 8.73 29.95
CA GLY A 157 -7.11 8.11 29.56
C GLY A 157 -8.33 9.04 29.76
N LYS A 158 -8.34 9.76 30.90
CA LYS A 158 -9.40 10.72 31.17
C LYS A 158 -9.45 11.77 30.08
N SER A 159 -8.26 12.29 29.67
CA SER A 159 -8.24 13.36 28.66
C SER A 159 -8.85 12.85 27.34
N LYS A 160 -8.56 11.59 26.98
CA LYS A 160 -9.11 11.00 25.76
C LYS A 160 -10.62 10.86 25.85
N PHE A 161 -11.12 10.35 26.99
CA PHE A 161 -12.54 10.21 27.22
C PHE A 161 -13.23 11.57 27.18
N PHE A 162 -12.66 12.59 27.84
CA PHE A 162 -13.29 13.91 27.83
C PHE A 162 -13.40 14.44 26.39
N ILE A 163 -12.32 14.30 25.58
CA ILE A 163 -12.39 14.69 24.18
C ILE A 163 -13.51 13.97 23.44
N GLU A 164 -13.59 12.65 23.61
CA GLU A 164 -14.70 11.92 22.98
C GLU A 164 -16.06 12.55 23.31
N GLU A 165 -16.30 12.81 24.61
CA GLU A 165 -17.56 13.41 25.04
C GLU A 165 -17.81 14.77 24.40
N MET A 166 -16.79 15.60 24.27
CA MET A 166 -16.97 16.92 23.66
C MET A 166 -17.37 16.80 22.18
N ILE A 167 -16.71 15.86 21.46
CA ILE A 167 -17.06 15.62 20.06
C ILE A 167 -18.49 15.08 19.94
N ARG A 168 -18.89 14.16 20.82
CA ARG A 168 -20.25 13.62 20.78
C ARG A 168 -21.26 14.75 20.98
N ASP A 169 -20.97 15.67 21.90
CA ASP A 169 -21.88 16.80 22.16
C ASP A 169 -21.96 17.76 20.97
N LEU A 170 -20.81 18.02 20.32
CA LEU A 170 -20.77 18.84 19.11
C LEU A 170 -21.64 18.25 18.00
N CYS A 171 -21.55 16.93 17.82
CA CYS A 171 -22.31 16.22 16.80
C CYS A 171 -23.81 16.22 17.12
N GLN A 172 -24.17 16.20 18.43
CA GLN A 172 -25.56 16.32 18.84
C GLN A 172 -26.12 17.71 18.51
N ALA A 173 -25.30 18.74 18.69
CA ALA A 173 -25.73 20.11 18.48
C ALA A 173 -25.81 20.46 16.99
N ASP A 174 -25.02 19.77 16.16
CA ASP A 174 -24.96 20.09 14.75
C ASP A 174 -24.86 18.77 13.98
N LYS A 175 -25.99 18.36 13.41
CA LYS A 175 -26.11 17.06 12.76
C LYS A 175 -25.33 16.99 11.45
N THR A 176 -24.81 18.13 10.96
CA THR A 176 -24.03 18.15 9.72
C THR A 176 -22.57 17.75 9.94
N TRP A 177 -22.16 17.62 11.20
CA TRP A 177 -20.80 17.19 11.51
C TRP A 177 -20.72 15.69 11.31
N ASN A 178 -19.60 15.23 10.76
CA ASN A 178 -19.24 13.83 10.72
C ASN A 178 -17.95 13.64 11.50
N ALA A 179 -17.92 12.66 12.39
CA ALA A 179 -16.74 12.40 13.20
C ALA A 179 -16.62 10.92 13.49
N VAL A 180 -15.44 10.35 13.24
CA VAL A 180 -15.18 8.97 13.58
C VAL A 180 -14.15 8.94 14.71
N LEU A 181 -14.50 8.26 15.82
CA LEU A 181 -13.64 8.11 16.98
C LEU A 181 -13.05 6.72 16.95
N LEU A 182 -11.73 6.57 16.85
CA LEU A 182 -11.10 5.26 16.75
C LEU A 182 -10.39 4.89 18.03
N ARG A 183 -10.77 3.78 18.64
CA ARG A 183 -10.19 3.32 19.91
C ARG A 183 -9.31 2.11 19.68
N TYR A 184 -8.09 2.17 20.17
CA TYR A 184 -7.17 1.04 20.05
C TYR A 184 -6.18 1.09 21.20
N PHE A 185 -5.37 0.02 21.31
CA PHE A 185 -4.35 -0.09 22.36
C PHE A 185 -2.97 0.25 21.82
N ASN A 186 -2.09 -0.72 21.65
CA ASN A 186 -0.65 -0.47 21.50
C ASN A 186 -0.19 -0.64 20.05
N PRO A 187 0.18 0.44 19.32
CA PRO A 187 0.79 0.30 17.99
C PRO A 187 2.21 -0.26 18.07
N THR A 188 2.52 -1.24 17.21
CA THR A 188 3.89 -1.73 17.12
C THR A 188 4.22 -2.08 15.66
N GLY A 189 5.44 -2.59 15.45
CA GLY A 189 5.93 -2.79 14.10
C GLY A 189 6.36 -1.49 13.41
N ALA A 190 6.43 -1.55 12.09
CA ALA A 190 6.97 -0.45 11.30
C ALA A 190 6.65 -0.71 9.84
N HIS A 191 6.64 0.34 9.03
CA HIS A 191 6.54 0.15 7.58
C HIS A 191 7.53 -0.91 7.11
N ALA A 192 7.10 -1.76 6.16
CA ALA A 192 7.88 -2.90 5.71
C ALA A 192 9.21 -2.53 5.02
N SER A 193 9.38 -1.26 4.60
CA SER A 193 10.64 -0.81 4.03
C SER A 193 11.75 -0.83 5.09
N GLY A 194 11.35 -0.72 6.36
CA GLY A 194 12.29 -0.50 7.45
C GLY A 194 12.79 0.93 7.58
N CYS A 195 12.30 1.86 6.73
CA CYS A 195 12.87 3.21 6.70
C CYS A 195 12.21 4.18 7.67
N ILE A 196 11.00 3.88 8.13
CA ILE A 196 10.32 4.65 9.17
C ILE A 196 9.79 3.68 10.22
N GLY A 197 9.58 4.23 11.41
CA GLY A 197 9.20 3.43 12.57
C GLY A 197 9.04 4.34 13.79
N GLU A 198 8.97 3.76 15.00
CA GLU A 198 8.88 4.55 16.22
C GLU A 198 10.28 4.95 16.69
N ASP A 199 10.50 6.25 16.87
CA ASP A 199 11.74 6.75 17.47
C ASP A 199 11.81 6.31 18.93
N PRO A 200 13.00 6.31 19.54
CA PRO A 200 13.13 6.02 20.97
C PRO A 200 12.26 6.92 21.83
N GLN A 201 11.46 6.33 22.72
CA GLN A 201 10.52 7.08 23.56
C GLN A 201 11.00 7.20 25.00
N GLY A 202 10.65 8.31 25.66
CA GLY A 202 11.03 8.48 27.06
C GLY A 202 10.31 7.53 28.02
N ILE A 203 8.98 7.46 27.89
CA ILE A 203 8.15 6.68 28.80
C ILE A 203 7.18 5.82 27.98
N PRO A 204 7.60 4.62 27.51
CA PRO A 204 6.74 3.80 26.67
C PRO A 204 5.48 3.31 27.36
N ASN A 205 4.43 3.05 26.57
CA ASN A 205 3.15 2.57 27.08
C ASN A 205 3.06 1.05 27.00
N ASN A 206 4.05 0.39 26.39
CA ASN A 206 4.04 -1.06 26.22
C ASN A 206 5.47 -1.59 26.26
N LEU A 207 5.60 -2.93 26.33
CA LEU A 207 6.88 -3.57 26.58
C LEU A 207 7.75 -3.72 25.33
N MET A 208 7.21 -3.49 24.12
CA MET A 208 7.95 -3.88 22.93
C MET A 208 9.20 -3.03 22.73
N PRO A 209 9.20 -1.70 22.96
CA PRO A 209 10.45 -0.96 22.88
C PRO A 209 11.55 -1.49 23.80
N TYR A 210 11.18 -1.89 25.02
CA TYR A 210 12.13 -2.42 25.99
C TYR A 210 12.67 -3.75 25.43
N VAL A 211 11.78 -4.63 24.95
CA VAL A 211 12.16 -5.90 24.36
C VAL A 211 13.13 -5.71 23.20
N SER A 212 12.85 -4.70 22.36
CA SER A 212 13.67 -4.44 21.19
C SER A 212 15.08 -4.00 21.63
N GLN A 213 15.18 -3.28 22.74
CA GLN A 213 16.47 -2.86 23.26
C GLN A 213 17.25 -4.02 23.90
N VAL A 214 16.54 -4.97 24.56
CA VAL A 214 17.20 -6.17 25.07
C VAL A 214 17.82 -6.95 23.89
N ALA A 215 17.05 -7.08 22.80
CA ALA A 215 17.45 -7.87 21.64
C ALA A 215 18.69 -7.30 20.94
N ILE A 216 18.88 -5.97 20.93
CA ILE A 216 20.04 -5.36 20.27
C ILE A 216 21.21 -5.20 21.25
N GLY A 217 20.97 -5.41 22.55
CA GLY A 217 22.06 -5.46 23.53
C GLY A 217 22.19 -4.18 24.37
N ARG A 218 21.15 -3.33 24.42
CA ARG A 218 21.17 -2.10 25.21
C ARG A 218 20.42 -2.23 26.53
N ARG A 219 19.82 -3.40 26.84
CA ARG A 219 19.31 -3.66 28.18
C ARG A 219 19.59 -5.12 28.50
N GLU A 220 19.76 -5.44 29.80
CA GLU A 220 20.15 -6.78 30.24
C GLU A 220 18.99 -7.76 30.14
N ALA A 221 17.82 -7.38 30.68
CA ALA A 221 16.72 -8.32 30.81
C ALA A 221 15.40 -7.56 30.92
N LEU A 222 14.35 -8.12 30.31
CA LEU A 222 13.00 -7.59 30.45
C LEU A 222 12.46 -7.90 31.86
N ASN A 223 11.95 -6.88 32.55
CA ASN A 223 11.19 -7.12 33.77
C ASN A 223 9.74 -7.45 33.41
N VAL A 224 9.27 -8.59 33.93
CA VAL A 224 7.93 -9.12 33.75
C VAL A 224 7.17 -8.87 35.06
N PHE A 225 6.18 -7.99 34.99
CA PHE A 225 5.48 -7.54 36.20
C PHE A 225 4.37 -8.52 36.55
N GLY A 226 4.71 -9.62 37.22
CA GLY A 226 3.74 -10.59 37.67
C GLY A 226 3.68 -11.82 36.75
N ASN A 227 3.64 -13.01 37.35
CA ASN A 227 3.36 -14.20 36.54
C ASN A 227 2.28 -15.06 37.20
N ASP A 228 1.42 -14.45 38.03
CA ASP A 228 0.37 -15.16 38.74
C ASP A 228 -1.03 -14.65 38.36
N TYR A 229 -1.18 -14.02 37.20
CA TYR A 229 -2.49 -13.57 36.75
C TYR A 229 -3.36 -14.72 36.24
N ASP A 230 -4.67 -14.45 36.18
CA ASP A 230 -5.67 -15.33 35.57
C ASP A 230 -5.55 -15.23 34.05
N THR A 231 -4.44 -15.78 33.51
CA THR A 231 -4.16 -15.85 32.08
C THR A 231 -3.57 -17.23 31.82
N GLU A 232 -3.54 -17.61 30.54
CA GLU A 232 -3.07 -18.93 30.13
C GLU A 232 -1.71 -19.26 30.76
N ASP A 233 -0.75 -18.35 30.64
CA ASP A 233 0.61 -18.58 31.12
C ASP A 233 0.95 -17.77 32.36
N GLY A 234 0.00 -17.01 32.90
CA GLY A 234 0.21 -16.26 34.13
C GLY A 234 0.71 -14.84 33.93
N THR A 235 1.22 -14.51 32.74
CA THR A 235 1.68 -13.16 32.46
C THR A 235 0.57 -12.35 31.81
N GLY A 236 0.69 -11.02 31.88
CA GLY A 236 -0.34 -10.12 31.43
C GLY A 236 -0.56 -10.25 29.92
N VAL A 237 -1.84 -10.19 29.53
CA VAL A 237 -2.28 -10.23 28.15
C VAL A 237 -2.71 -8.82 27.74
N ARG A 238 -2.15 -8.34 26.63
CA ARG A 238 -2.36 -6.98 26.14
C ARG A 238 -2.57 -7.03 24.63
N ASP A 239 -3.01 -5.90 24.09
CA ASP A 239 -3.47 -5.78 22.72
C ASP A 239 -2.47 -4.95 21.91
N TYR A 240 -1.98 -5.54 20.83
CA TYR A 240 -0.99 -4.91 19.95
C TYR A 240 -1.53 -4.95 18.52
N ILE A 241 -1.39 -3.83 17.82
CA ILE A 241 -1.84 -3.66 16.46
C ILE A 241 -0.66 -3.18 15.62
N HIS A 242 -0.49 -3.75 14.43
CA HIS A 242 0.57 -3.26 13.54
C HIS A 242 0.24 -1.84 13.09
N VAL A 243 1.21 -0.95 13.21
CA VAL A 243 1.00 0.47 12.91
C VAL A 243 0.50 0.66 11.47
N VAL A 244 0.90 -0.22 10.54
CA VAL A 244 0.43 -0.08 9.16
C VAL A 244 -1.07 -0.41 9.09
N ASP A 245 -1.52 -1.48 9.75
CA ASP A 245 -2.95 -1.77 9.81
C ASP A 245 -3.70 -0.61 10.49
N LEU A 246 -3.13 -0.04 11.57
CA LEU A 246 -3.76 1.07 12.25
C LEU A 246 -3.93 2.30 11.34
N ALA A 247 -2.85 2.64 10.62
CA ALA A 247 -2.87 3.74 9.67
C ALA A 247 -3.95 3.53 8.59
N LYS A 248 -4.04 2.30 8.05
CA LYS A 248 -5.09 1.98 7.08
C LYS A 248 -6.51 2.14 7.65
N GLY A 249 -6.64 1.83 8.94
CA GLY A 249 -7.92 2.03 9.62
C GLY A 249 -8.34 3.51 9.67
N HIS A 250 -7.36 4.39 9.84
CA HIS A 250 -7.62 5.82 9.80
C HIS A 250 -8.08 6.28 8.41
N ILE A 251 -7.56 5.65 7.35
CA ILE A 251 -8.01 5.96 5.98
C ILE A 251 -9.44 5.45 5.81
N ALA A 252 -9.74 4.26 6.33
CA ALA A 252 -11.10 3.73 6.21
C ALA A 252 -12.09 4.65 6.93
N ALA A 253 -11.69 5.20 8.10
CA ALA A 253 -12.52 6.16 8.81
C ALA A 253 -12.72 7.44 7.98
N LEU A 254 -11.65 7.92 7.32
CA LEU A 254 -11.75 9.12 6.49
C LEU A 254 -12.79 8.91 5.38
N ARG A 255 -12.74 7.74 4.74
CA ARG A 255 -13.71 7.42 3.69
C ARG A 255 -15.14 7.36 4.23
N LYS A 256 -15.32 6.87 5.47
CA LYS A 256 -16.65 6.76 6.07
C LYS A 256 -17.30 8.15 6.23
N LEU A 257 -16.49 9.19 6.47
CA LEU A 257 -17.01 10.53 6.60
C LEU A 257 -17.82 10.95 5.37
N LYS A 258 -17.38 10.52 4.17
CA LYS A 258 -18.03 10.94 2.94
C LYS A 258 -19.47 10.40 2.85
N GLU A 259 -19.80 9.37 3.64
CA GLU A 259 -21.14 8.80 3.71
C GLU A 259 -22.09 9.64 4.57
N GLN A 260 -21.61 10.76 5.14
CA GLN A 260 -22.40 11.62 6.02
C GLN A 260 -22.91 10.81 7.21
N CYS A 261 -21.96 10.14 7.86
CA CYS A 261 -22.17 9.14 8.91
C CYS A 261 -22.49 9.75 10.27
N GLY A 262 -22.38 11.07 10.44
CA GLY A 262 -22.52 11.62 11.78
C GLY A 262 -21.40 11.17 12.72
N CYS A 263 -21.72 10.99 14.01
CA CYS A 263 -20.76 10.54 15.00
C CYS A 263 -20.71 9.01 15.08
N ARG A 264 -19.55 8.40 14.77
CA ARG A 264 -19.39 6.95 14.86
C ARG A 264 -18.14 6.61 15.67
N ILE A 265 -18.17 5.46 16.35
CA ILE A 265 -17.11 4.99 17.22
C ILE A 265 -16.76 3.54 16.87
N TYR A 266 -15.48 3.28 16.59
CA TYR A 266 -15.03 1.94 16.25
C TYR A 266 -13.74 1.58 16.97
N ASN A 267 -13.69 0.34 17.45
CA ASN A 267 -12.44 -0.27 17.88
C ASN A 267 -11.61 -0.74 16.69
N LEU A 268 -10.29 -0.57 16.77
CA LEU A 268 -9.35 -1.17 15.82
C LEU A 268 -8.42 -2.12 16.58
N GLY A 269 -8.21 -3.31 16.02
CA GLY A 269 -7.36 -4.33 16.64
C GLY A 269 -7.38 -5.62 15.83
N THR A 270 -6.58 -6.60 16.25
CA THR A 270 -6.53 -7.91 15.61
C THR A 270 -7.67 -8.80 16.12
N GLY A 271 -8.11 -8.48 17.33
CA GLY A 271 -9.15 -9.28 17.97
C GLY A 271 -8.61 -10.38 18.89
N THR A 272 -7.28 -10.53 18.98
CA THR A 272 -6.67 -11.48 19.89
C THR A 272 -5.57 -10.78 20.69
N GLY A 273 -5.55 -10.99 22.01
CA GLY A 273 -4.49 -10.47 22.84
C GLY A 273 -3.29 -11.43 22.92
N TYR A 274 -2.13 -10.90 23.32
CA TYR A 274 -0.88 -11.64 23.39
C TYR A 274 -0.29 -11.43 24.78
N SER A 275 0.23 -12.50 25.40
CA SER A 275 0.87 -12.39 26.72
C SER A 275 2.28 -11.85 26.59
N VAL A 276 2.86 -11.49 27.73
CA VAL A 276 4.24 -11.05 27.77
C VAL A 276 5.14 -12.14 27.17
N LEU A 277 4.98 -13.40 27.62
CA LEU A 277 5.84 -14.47 27.17
C LEU A 277 5.68 -14.70 25.66
N GLN A 278 4.46 -14.52 25.12
CA GLN A 278 4.23 -14.67 23.69
C GLN A 278 5.03 -13.61 22.92
N MET A 279 5.06 -12.40 23.48
CA MET A 279 5.75 -11.30 22.80
C MET A 279 7.26 -11.57 22.80
N VAL A 280 7.80 -12.02 23.94
CA VAL A 280 9.21 -12.37 24.05
C VAL A 280 9.56 -13.44 23.02
N GLN A 281 8.75 -14.50 22.96
N GLN A 281 8.76 -14.52 22.96
CA GLN A 281 9.00 -15.65 22.09
CA GLN A 281 9.02 -15.65 22.07
C GLN A 281 9.00 -15.20 20.62
C GLN A 281 9.02 -15.18 20.62
N ALA A 282 8.06 -14.33 20.27
CA ALA A 282 7.93 -13.86 18.88
C ALA A 282 9.13 -12.98 18.50
N MET A 283 9.62 -12.15 19.44
N MET A 283 9.63 -12.18 19.45
CA MET A 283 10.76 -11.32 19.10
CA MET A 283 10.75 -11.29 19.17
C MET A 283 12.04 -12.15 19.04
C MET A 283 12.06 -12.08 19.13
N GLU A 284 12.16 -13.18 19.87
CA GLU A 284 13.30 -14.10 19.77
C GLU A 284 13.35 -14.73 18.37
N LYS A 285 12.18 -15.11 17.87
CA LYS A 285 12.08 -15.78 16.58
C LYS A 285 12.44 -14.82 15.46
N ALA A 286 11.90 -13.59 15.52
CA ALA A 286 12.13 -12.60 14.49
C ALA A 286 13.60 -12.15 14.44
N SER A 287 14.19 -11.95 15.62
CA SER A 287 15.51 -11.34 15.71
C SER A 287 16.64 -12.37 15.63
N GLY A 288 16.34 -13.63 15.99
CA GLY A 288 17.36 -14.64 16.20
C GLY A 288 18.23 -14.39 17.44
N LYS A 289 17.79 -13.53 18.37
CA LYS A 289 18.53 -13.24 19.59
C LYS A 289 17.80 -13.77 20.82
N LYS A 290 18.59 -14.04 21.86
CA LYS A 290 18.04 -14.40 23.16
C LYS A 290 17.58 -13.13 23.86
N ILE A 291 16.42 -13.23 24.52
CA ILE A 291 15.79 -12.13 25.22
C ILE A 291 15.54 -12.60 26.66
N PRO A 292 16.53 -12.43 27.55
CA PRO A 292 16.36 -12.77 28.96
C PRO A 292 15.27 -11.94 29.63
N TYR A 293 14.62 -12.54 30.64
CA TYR A 293 13.61 -11.84 31.42
C TYR A 293 13.77 -12.18 32.91
N LYS A 294 13.17 -11.34 33.75
CA LYS A 294 13.13 -11.56 35.19
C LYS A 294 11.71 -11.27 35.66
N VAL A 295 11.07 -12.25 36.33
CA VAL A 295 9.76 -12.05 36.90
C VAL A 295 9.89 -11.27 38.21
N VAL A 296 9.23 -10.10 38.27
CA VAL A 296 9.15 -9.30 39.49
C VAL A 296 7.69 -9.17 39.92
N ALA A 297 7.43 -8.49 41.04
CA ALA A 297 6.06 -8.31 41.52
C ALA A 297 5.19 -7.57 40.49
N ARG A 298 3.87 -7.75 40.62
CA ARG A 298 2.89 -7.02 39.87
C ARG A 298 3.02 -5.52 40.12
N ARG A 299 2.67 -4.74 39.09
CA ARG A 299 2.47 -3.31 39.27
C ARG A 299 1.05 -3.08 39.79
N GLU A 300 0.94 -2.26 40.83
CA GLU A 300 -0.33 -1.97 41.46
C GLU A 300 -1.28 -1.45 40.40
N GLY A 301 -2.49 -2.04 40.33
CA GLY A 301 -3.51 -1.55 39.41
C GLY A 301 -3.54 -2.23 38.04
N ASP A 302 -2.54 -3.06 37.70
CA ASP A 302 -2.56 -3.77 36.43
C ASP A 302 -3.62 -4.86 36.48
N VAL A 303 -4.26 -5.12 35.33
CA VAL A 303 -5.23 -6.21 35.20
C VAL A 303 -4.60 -7.39 34.45
N ALA A 304 -5.27 -8.54 34.52
CA ALA A 304 -4.79 -9.74 33.86
C ALA A 304 -4.79 -9.61 32.34
N ALA A 305 -5.88 -9.09 31.78
CA ALA A 305 -6.04 -9.09 30.32
C ALA A 305 -6.92 -7.94 29.85
N CYS A 306 -6.51 -7.37 28.73
CA CYS A 306 -7.27 -6.29 28.12
CA CYS A 306 -7.21 -6.27 28.12
C CYS A 306 -7.04 -6.30 26.61
N TYR A 307 -8.11 -6.50 25.85
CA TYR A 307 -8.00 -6.46 24.39
C TYR A 307 -9.38 -6.16 23.79
N ALA A 308 -9.41 -5.66 22.53
CA ALA A 308 -10.59 -5.11 21.88
C ALA A 308 -11.18 -6.05 20.82
N ASN A 309 -12.52 -5.98 20.68
CA ASN A 309 -13.26 -6.61 19.61
C ASN A 309 -13.38 -5.67 18.43
N PRO A 310 -12.79 -6.01 17.26
CA PRO A 310 -12.82 -5.18 16.06
C PRO A 310 -13.93 -5.52 15.05
N SER A 311 -14.97 -6.25 15.48
CA SER A 311 -16.03 -6.75 14.60
C SER A 311 -16.84 -5.63 13.93
N LEU A 312 -17.12 -4.56 14.69
CA LEU A 312 -17.92 -3.46 14.18
C LEU A 312 -17.19 -2.74 13.04
N ALA A 313 -15.88 -2.56 13.19
CA ALA A 313 -15.08 -1.95 12.13
C ALA A 313 -15.11 -2.76 10.84
N GLN A 314 -15.13 -4.11 10.94
CA GLN A 314 -15.26 -4.94 9.75
C GLN A 314 -16.61 -4.68 9.07
N GLU A 315 -17.67 -4.66 9.86
CA GLU A 315 -19.03 -4.52 9.36
C GLU A 315 -19.25 -3.14 8.71
N GLU A 316 -18.77 -2.05 9.36
CA GLU A 316 -19.17 -0.71 8.94
C GLU A 316 -18.02 0.06 8.27
N LEU A 317 -16.76 -0.24 8.56
CA LEU A 317 -15.64 0.40 7.86
C LEU A 317 -15.10 -0.47 6.73
N GLY A 318 -15.54 -1.73 6.64
CA GLY A 318 -14.92 -2.69 5.73
C GLY A 318 -13.45 -2.99 6.03
N TRP A 319 -13.02 -2.83 7.29
CA TRP A 319 -11.60 -2.88 7.65
C TRP A 319 -11.31 -4.09 8.52
N THR A 320 -10.19 -4.77 8.23
CA THR A 320 -9.60 -5.77 9.12
C THR A 320 -8.10 -5.51 9.23
N ALA A 321 -7.53 -5.92 10.38
CA ALA A 321 -6.09 -6.06 10.55
C ALA A 321 -5.62 -7.39 9.94
N ALA A 322 -4.64 -7.34 9.06
CA ALA A 322 -4.12 -8.54 8.42
C ALA A 322 -2.82 -9.01 9.03
N LEU A 323 -2.12 -8.14 9.74
CA LEU A 323 -0.75 -8.44 10.11
C LEU A 323 -0.69 -8.97 11.55
N GLY A 324 -0.16 -10.19 11.72
CA GLY A 324 -0.12 -10.80 13.04
C GLY A 324 1.15 -10.50 13.82
N LEU A 325 1.28 -11.20 14.95
CA LEU A 325 2.36 -10.94 15.90
C LEU A 325 3.75 -11.16 15.27
N ASP A 326 3.95 -12.24 14.50
CA ASP A 326 5.26 -12.53 13.94
C ASP A 326 5.65 -11.39 12.98
N ARG A 327 4.70 -10.91 12.20
CA ARG A 327 4.93 -9.82 11.26
CA ARG A 327 4.96 -9.83 11.25
C ARG A 327 5.26 -8.52 11.99
N MET A 328 4.55 -8.24 13.08
CA MET A 328 4.85 -7.07 13.90
C MET A 328 6.31 -7.10 14.35
N CYS A 329 6.75 -8.27 14.83
CA CYS A 329 8.13 -8.41 15.30
C CYS A 329 9.16 -8.31 14.18
N GLU A 330 8.89 -8.98 13.05
CA GLU A 330 9.80 -8.91 11.92
C GLU A 330 9.98 -7.46 11.46
N ASP A 331 8.89 -6.73 11.35
CA ASP A 331 8.92 -5.36 10.82
C ASP A 331 9.59 -4.43 11.82
N LEU A 332 9.34 -4.62 13.11
CA LEU A 332 10.05 -3.88 14.15
C LEU A 332 11.56 -4.13 14.08
N TRP A 333 11.94 -5.42 14.00
CA TRP A 333 13.35 -5.78 13.96
C TRP A 333 14.05 -5.16 12.74
N ARG A 334 13.36 -5.13 11.58
CA ARG A 334 13.99 -4.52 10.41
C ARG A 334 14.27 -3.03 10.61
N TRP A 335 13.30 -2.30 11.15
CA TRP A 335 13.47 -0.87 11.45
C TRP A 335 14.64 -0.64 12.42
N GLN A 336 14.73 -1.48 13.45
CA GLN A 336 15.82 -1.37 14.39
C GLN A 336 17.19 -1.69 13.79
N LYS A 337 17.28 -2.71 12.92
CA LYS A 337 18.56 -3.07 12.32
C LYS A 337 19.06 -1.94 11.42
N GLN A 338 18.12 -1.32 10.68
CA GLN A 338 18.45 -0.31 9.68
C GLN A 338 18.67 1.02 10.37
N ASN A 339 18.07 1.20 11.55
CA ASN A 339 18.06 2.49 12.23
C ASN A 339 18.19 2.26 13.74
N PRO A 340 19.37 1.79 14.22
CA PRO A 340 19.48 1.33 15.60
C PRO A 340 19.16 2.40 16.66
N SER A 341 19.38 3.70 16.35
CA SER A 341 18.98 4.78 17.24
C SER A 341 17.87 5.64 16.66
N GLY A 342 17.06 5.06 15.78
CA GLY A 342 15.98 5.80 15.13
C GLY A 342 16.51 6.74 14.06
N PHE A 343 15.80 7.87 13.87
CA PHE A 343 16.18 8.79 12.82
C PHE A 343 17.52 9.48 13.14
N GLY A 344 17.93 9.53 14.42
CA GLY A 344 19.19 10.14 14.82
C GLY A 344 20.38 9.16 14.82
N ALA B 1 -21.56 -5.17 -6.51
CA ALA B 1 -21.61 -4.51 -5.18
C ALA B 1 -20.19 -4.26 -4.69
N GLU B 2 -19.33 -5.30 -4.55
CA GLU B 2 -18.15 -5.16 -3.72
C GLU B 2 -16.87 -5.88 -4.15
N LYS B 3 -16.88 -6.79 -5.14
CA LYS B 3 -15.66 -7.51 -5.52
C LYS B 3 -15.05 -6.88 -6.79
N VAL B 4 -13.74 -7.04 -6.95
CA VAL B 4 -13.04 -6.62 -8.16
C VAL B 4 -12.59 -7.87 -8.92
N LEU B 5 -13.06 -8.07 -10.16
CA LEU B 5 -12.57 -9.18 -10.98
C LEU B 5 -11.20 -8.83 -11.55
N VAL B 6 -10.22 -9.73 -11.41
CA VAL B 6 -8.92 -9.57 -12.01
C VAL B 6 -8.72 -10.75 -12.97
N THR B 7 -8.77 -10.49 -14.28
CA THR B 7 -8.52 -11.55 -15.26
C THR B 7 -7.01 -11.65 -15.48
N GLY B 8 -6.51 -12.88 -15.67
CA GLY B 8 -5.09 -13.07 -15.85
C GLY B 8 -4.28 -12.68 -14.61
N GLY B 9 -4.88 -12.88 -13.44
CA GLY B 9 -4.28 -12.38 -12.20
C GLY B 9 -3.15 -13.25 -11.63
N ALA B 10 -2.91 -14.43 -12.21
CA ALA B 10 -1.81 -15.26 -11.78
C ALA B 10 -0.46 -14.88 -12.42
N GLY B 11 -0.50 -14.06 -13.48
CA GLY B 11 0.73 -13.73 -14.19
C GLY B 11 1.55 -12.65 -13.49
N TYR B 12 2.55 -12.15 -14.23
CA TYR B 12 3.54 -11.25 -13.65
C TYR B 12 2.90 -9.96 -13.12
N ILE B 13 2.31 -9.14 -13.98
CA ILE B 13 1.74 -7.86 -13.55
C ILE B 13 0.50 -8.08 -12.69
N GLY B 14 -0.28 -9.12 -13.05
CA GLY B 14 -1.52 -9.39 -12.34
C GLY B 14 -1.29 -9.79 -10.88
N SER B 15 -0.32 -10.68 -10.65
CA SER B 15 -0.06 -11.14 -9.27
C SER B 15 0.36 -9.93 -8.39
N HIS B 16 1.22 -9.05 -8.91
CA HIS B 16 1.66 -7.84 -8.18
C HIS B 16 0.47 -6.90 -7.95
N THR B 17 -0.47 -6.84 -8.91
CA THR B 17 -1.65 -6.00 -8.74
C THR B 17 -2.64 -6.61 -7.72
N VAL B 18 -2.80 -7.93 -7.73
CA VAL B 18 -3.61 -8.57 -6.70
C VAL B 18 -3.06 -8.28 -5.30
N LEU B 19 -1.74 -8.35 -5.14
CA LEU B 19 -1.11 -7.97 -3.87
C LEU B 19 -1.49 -6.54 -3.47
N GLU B 20 -1.32 -5.57 -4.39
CA GLU B 20 -1.65 -4.18 -4.07
C GLU B 20 -3.14 -4.00 -3.78
N LEU B 21 -4.03 -4.74 -4.47
CA LEU B 21 -5.47 -4.65 -4.23
C LEU B 21 -5.77 -5.09 -2.80
N LEU B 22 -5.17 -6.21 -2.40
CA LEU B 22 -5.38 -6.74 -1.05
C LEU B 22 -4.93 -5.75 0.01
N GLU B 23 -3.72 -5.19 -0.18
CA GLU B 23 -3.14 -4.25 0.77
C GLU B 23 -3.97 -2.97 0.84
N ALA B 24 -4.63 -2.60 -0.27
CA ALA B 24 -5.41 -1.37 -0.30
C ALA B 24 -6.84 -1.58 0.18
N GLY B 25 -7.21 -2.80 0.61
CA GLY B 25 -8.53 -2.99 1.18
C GLY B 25 -9.63 -3.49 0.24
N TYR B 26 -9.30 -3.83 -1.01
CA TYR B 26 -10.27 -4.40 -1.96
C TYR B 26 -10.38 -5.93 -1.78
N LEU B 27 -11.44 -6.48 -2.40
CA LEU B 27 -11.77 -7.90 -2.37
C LEU B 27 -11.65 -8.46 -3.80
N PRO B 28 -10.46 -8.96 -4.20
CA PRO B 28 -10.29 -9.50 -5.55
C PRO B 28 -10.87 -10.90 -5.73
N VAL B 29 -11.36 -11.15 -6.94
CA VAL B 29 -11.63 -12.49 -7.45
C VAL B 29 -10.77 -12.62 -8.71
N VAL B 30 -9.94 -13.66 -8.76
CA VAL B 30 -8.99 -13.86 -9.84
C VAL B 30 -9.45 -15.03 -10.72
N ILE B 31 -9.33 -14.84 -12.04
CA ILE B 31 -9.44 -15.94 -12.99
C ILE B 31 -8.17 -16.03 -13.84
N ASP B 32 -7.77 -17.27 -14.14
CA ASP B 32 -6.63 -17.55 -14.99
C ASP B 32 -6.75 -18.98 -15.50
N ASN B 33 -6.23 -19.22 -16.73
CA ASN B 33 -6.25 -20.54 -17.34
C ASN B 33 -4.88 -21.26 -17.31
N PHE B 34 -3.87 -20.67 -16.67
CA PHE B 34 -2.52 -21.21 -16.49
C PHE B 34 -1.74 -21.30 -17.81
N HIS B 35 -2.20 -20.61 -18.85
CA HIS B 35 -1.39 -20.54 -20.09
C HIS B 35 0.05 -20.14 -19.81
N ASN B 36 0.23 -19.11 -18.99
CA ASN B 36 1.57 -18.60 -18.72
C ASN B 36 1.79 -18.36 -17.22
N ALA B 37 1.23 -19.22 -16.37
CA ALA B 37 1.44 -19.21 -14.93
C ALA B 37 1.63 -20.61 -14.41
N PHE B 38 2.43 -20.74 -13.34
CA PHE B 38 2.79 -22.02 -12.74
C PHE B 38 1.75 -22.42 -11.71
N ARG B 39 1.33 -23.70 -11.76
CA ARG B 39 0.50 -24.30 -10.73
C ARG B 39 1.26 -24.45 -9.42
N GLY B 40 0.55 -24.21 -8.32
CA GLY B 40 1.07 -24.55 -7.00
C GLY B 40 0.69 -25.96 -6.61
N GLY B 41 1.11 -26.34 -5.39
CA GLY B 41 0.81 -27.64 -4.84
C GLY B 41 -0.61 -27.71 -4.30
N GLY B 42 -1.31 -26.57 -4.32
CA GLY B 42 -2.70 -26.49 -3.88
C GLY B 42 -3.55 -25.94 -5.02
N SER B 43 -4.73 -25.41 -4.70
CA SER B 43 -5.63 -24.84 -5.69
C SER B 43 -5.01 -23.62 -6.37
N LEU B 44 -4.35 -22.79 -5.55
CA LEU B 44 -3.88 -21.51 -6.05
C LEU B 44 -2.69 -21.69 -6.97
N PRO B 45 -2.58 -20.87 -8.05
CA PRO B 45 -1.29 -20.66 -8.67
C PRO B 45 -0.25 -20.33 -7.62
N GLU B 46 1.00 -20.76 -7.84
CA GLU B 46 2.06 -20.50 -6.88
C GLU B 46 2.21 -19.02 -6.56
N SER B 47 2.14 -18.15 -7.58
CA SER B 47 2.28 -16.71 -7.36
C SER B 47 1.28 -16.22 -6.30
N LEU B 48 0.03 -16.64 -6.45
CA LEU B 48 -1.04 -16.18 -5.58
C LEU B 48 -1.00 -16.88 -4.22
N ARG B 49 -0.50 -18.12 -4.14
CA ARG B 49 -0.31 -18.75 -2.84
C ARG B 49 0.66 -17.88 -2.02
N ARG B 50 1.74 -17.46 -2.68
CA ARG B 50 2.71 -16.58 -2.03
C ARG B 50 2.13 -15.21 -1.70
N VAL B 51 1.35 -14.59 -2.60
CA VAL B 51 0.69 -13.33 -2.29
C VAL B 51 -0.17 -13.45 -1.01
N GLN B 52 -0.92 -14.55 -0.85
CA GLN B 52 -1.68 -14.78 0.37
C GLN B 52 -0.81 -14.74 1.62
N GLU B 53 0.36 -15.37 1.53
CA GLU B 53 1.31 -15.39 2.64
C GLU B 53 1.90 -14.00 2.90
N LEU B 54 2.23 -13.24 1.84
CA LEU B 54 2.85 -11.94 1.98
C LEU B 54 1.89 -10.94 2.64
N THR B 55 0.58 -11.07 2.36
CA THR B 55 -0.39 -10.06 2.74
C THR B 55 -1.17 -10.47 4.00
N GLY B 56 -1.23 -11.78 4.29
CA GLY B 56 -2.09 -12.32 5.32
C GLY B 56 -3.58 -12.34 4.95
N ARG B 57 -3.89 -12.23 3.64
CA ARG B 57 -5.27 -12.17 3.18
C ARG B 57 -5.53 -13.25 2.13
N SER B 58 -6.79 -13.67 2.04
CA SER B 58 -7.23 -14.71 1.13
C SER B 58 -7.45 -14.14 -0.26
N VAL B 59 -7.11 -14.97 -1.25
CA VAL B 59 -7.37 -14.67 -2.64
C VAL B 59 -8.42 -15.65 -3.12
N GLU B 60 -9.54 -15.12 -3.61
CA GLU B 60 -10.54 -15.97 -4.25
C GLU B 60 -10.12 -16.21 -5.71
N PHE B 61 -10.10 -17.48 -6.12
CA PHE B 61 -9.53 -17.86 -7.41
C PHE B 61 -10.40 -18.93 -8.07
N GLU B 62 -10.63 -18.74 -9.37
CA GLU B 62 -11.21 -19.80 -10.20
C GLU B 62 -10.34 -19.99 -11.45
N GLU B 63 -10.00 -21.25 -11.77
CA GLU B 63 -9.37 -21.59 -13.03
C GLU B 63 -10.43 -21.60 -14.13
N MET B 64 -10.28 -20.72 -15.12
CA MET B 64 -11.14 -20.70 -16.30
C MET B 64 -10.49 -19.89 -17.41
N ASP B 65 -11.02 -20.12 -18.61
CA ASP B 65 -10.61 -19.43 -19.82
C ASP B 65 -11.60 -18.32 -20.14
N ILE B 66 -11.13 -17.10 -20.37
CA ILE B 66 -11.96 -15.97 -20.76
C ILE B 66 -12.78 -16.22 -22.05
N LEU B 67 -12.34 -17.18 -22.88
CA LEU B 67 -13.07 -17.55 -24.10
C LEU B 67 -14.31 -18.40 -23.85
N ASP B 68 -14.48 -18.93 -22.63
CA ASP B 68 -15.61 -19.79 -22.33
C ASP B 68 -16.80 -18.97 -21.82
N GLN B 69 -17.78 -18.77 -22.71
CA GLN B 69 -18.89 -17.87 -22.45
C GLN B 69 -19.67 -18.36 -21.25
N GLY B 70 -19.96 -19.67 -21.23
CA GLY B 70 -20.78 -20.23 -20.15
C GLY B 70 -20.15 -20.06 -18.77
N ALA B 71 -18.85 -20.33 -18.68
CA ALA B 71 -18.11 -20.14 -17.44
C ALA B 71 -18.17 -18.68 -16.98
N LEU B 72 -17.99 -17.75 -17.91
CA LEU B 72 -17.92 -16.33 -17.59
C LEU B 72 -19.29 -15.79 -17.15
N GLN B 73 -20.37 -16.24 -17.81
CA GLN B 73 -21.72 -15.91 -17.42
C GLN B 73 -21.99 -16.36 -15.99
N ARG B 74 -21.65 -17.61 -15.68
CA ARG B 74 -21.85 -18.16 -14.35
CA ARG B 74 -21.82 -18.17 -14.35
C ARG B 74 -21.04 -17.35 -13.31
N LEU B 75 -19.82 -16.93 -13.67
CA LEU B 75 -19.02 -16.15 -12.74
C LEU B 75 -19.71 -14.85 -12.34
N PHE B 76 -20.24 -14.12 -13.34
CA PHE B 76 -20.89 -12.84 -13.08
C PHE B 76 -22.22 -13.00 -12.32
N LYS B 77 -22.86 -14.16 -12.38
CA LYS B 77 -24.04 -14.40 -11.55
C LYS B 77 -23.64 -14.74 -10.11
N LYS B 78 -22.52 -15.43 -9.93
CA LYS B 78 -22.12 -15.91 -8.61
C LYS B 78 -21.58 -14.79 -7.72
N TYR B 79 -20.87 -13.82 -8.33
CA TYR B 79 -20.20 -12.76 -7.60
C TYR B 79 -20.84 -11.43 -7.98
N SER B 80 -20.77 -10.44 -7.08
CA SER B 80 -21.22 -9.09 -7.42
C SER B 80 -20.03 -8.18 -7.65
N PHE B 81 -19.67 -7.98 -8.92
CA PHE B 81 -18.49 -7.23 -9.27
C PHE B 81 -18.86 -5.76 -9.40
N MET B 82 -18.00 -4.89 -8.87
CA MET B 82 -18.13 -3.46 -9.07
C MET B 82 -17.22 -2.96 -10.18
N ALA B 83 -16.19 -3.75 -10.53
CA ALA B 83 -15.24 -3.36 -11.54
C ALA B 83 -14.45 -4.57 -12.01
N VAL B 84 -13.74 -4.41 -13.14
CA VAL B 84 -12.93 -5.46 -13.73
C VAL B 84 -11.59 -4.86 -14.10
N ILE B 85 -10.51 -5.57 -13.76
CA ILE B 85 -9.17 -5.24 -14.25
C ILE B 85 -8.75 -6.38 -15.17
N HIS B 86 -8.42 -6.06 -16.42
CA HIS B 86 -8.30 -7.09 -17.47
C HIS B 86 -6.83 -7.22 -17.94
N PHE B 87 -6.13 -8.26 -17.47
CA PHE B 87 -4.77 -8.60 -17.88
C PHE B 87 -4.71 -9.86 -18.78
N ALA B 88 -5.79 -10.67 -18.81
CA ALA B 88 -5.76 -11.95 -19.51
C ALA B 88 -5.51 -11.73 -21.01
N GLY B 89 -4.44 -12.37 -21.52
CA GLY B 89 -4.08 -12.16 -22.92
C GLY B 89 -2.73 -12.81 -23.22
N LEU B 90 -2.40 -12.84 -24.51
CA LEU B 90 -1.10 -13.27 -24.98
C LEU B 90 -0.27 -12.02 -25.25
N LYS B 91 1.04 -12.13 -25.05
CA LYS B 91 1.85 -10.92 -25.08
C LYS B 91 3.25 -11.10 -25.65
N ALA B 92 3.56 -12.24 -26.29
CA ALA B 92 4.90 -12.39 -26.89
C ALA B 92 4.94 -11.85 -28.33
N VAL B 93 5.69 -10.77 -28.58
CA VAL B 93 5.66 -10.09 -29.88
C VAL B 93 6.10 -11.02 -31.03
N GLY B 94 7.20 -11.76 -30.82
CA GLY B 94 7.70 -12.64 -31.87
C GLY B 94 6.70 -13.74 -32.19
N GLU B 95 6.10 -14.31 -31.13
CA GLU B 95 5.10 -15.34 -31.31
C GLU B 95 3.89 -14.80 -32.09
N SER B 96 3.53 -13.54 -31.84
CA SER B 96 2.37 -12.95 -32.48
C SER B 96 2.53 -12.88 -34.00
N VAL B 97 3.78 -12.68 -34.48
CA VAL B 97 4.03 -12.63 -35.92
C VAL B 97 3.79 -14.00 -36.57
N GLN B 98 4.14 -15.05 -35.81
CA GLN B 98 4.03 -16.42 -36.29
C GLN B 98 2.63 -16.97 -36.15
N LYS B 99 1.91 -16.52 -35.11
CA LYS B 99 0.61 -17.08 -34.77
C LYS B 99 -0.43 -15.98 -34.59
N PRO B 100 -0.69 -15.16 -35.62
CA PRO B 100 -1.61 -14.03 -35.47
C PRO B 100 -3.00 -14.43 -35.01
N LEU B 101 -3.55 -15.52 -35.56
CA LEU B 101 -4.92 -15.87 -35.23
C LEU B 101 -5.05 -16.19 -33.74
N ASP B 102 -4.01 -16.73 -33.11
CA ASP B 102 -4.08 -17.02 -31.67
C ASP B 102 -4.17 -15.72 -30.88
N TYR B 103 -3.42 -14.69 -31.31
CA TYR B 103 -3.42 -13.39 -30.64
C TYR B 103 -4.77 -12.70 -30.84
N TYR B 104 -5.28 -12.71 -32.08
CA TYR B 104 -6.57 -12.10 -32.31
C TYR B 104 -7.68 -12.84 -31.56
N ARG B 105 -7.66 -14.18 -31.53
CA ARG B 105 -8.66 -14.92 -30.79
C ARG B 105 -8.61 -14.57 -29.30
N VAL B 106 -7.46 -14.77 -28.68
CA VAL B 106 -7.44 -14.61 -27.21
C VAL B 106 -7.65 -13.14 -26.83
N ASN B 107 -6.94 -12.24 -27.51
CA ASN B 107 -6.98 -10.85 -27.11
C ASN B 107 -8.28 -10.16 -27.55
N LEU B 108 -8.66 -10.30 -28.84
CA LEU B 108 -9.84 -9.61 -29.35
C LEU B 108 -11.13 -10.32 -28.94
N THR B 109 -11.30 -11.60 -29.33
CA THR B 109 -12.53 -12.30 -29.01
C THR B 109 -12.70 -12.38 -27.50
N GLY B 110 -11.61 -12.63 -26.74
CA GLY B 110 -11.71 -12.70 -25.29
C GLY B 110 -12.20 -11.38 -24.69
N THR B 111 -11.63 -10.25 -25.13
CA THR B 111 -12.04 -8.96 -24.59
C THR B 111 -13.48 -8.62 -25.00
N ILE B 112 -13.84 -8.89 -26.25
CA ILE B 112 -15.21 -8.62 -26.69
C ILE B 112 -16.21 -9.39 -25.83
N GLN B 113 -15.94 -10.70 -25.58
CA GLN B 113 -16.84 -11.50 -24.75
C GLN B 113 -16.91 -10.95 -23.32
N LEU B 114 -15.77 -10.52 -22.77
CA LEU B 114 -15.77 -9.90 -21.44
C LEU B 114 -16.66 -8.68 -21.41
N LEU B 115 -16.53 -7.79 -22.39
CA LEU B 115 -17.32 -6.56 -22.42
C LEU B 115 -18.82 -6.89 -22.52
N GLU B 116 -19.17 -7.86 -23.38
CA GLU B 116 -20.55 -8.30 -23.57
C GLU B 116 -21.17 -8.74 -22.26
N ILE B 117 -20.41 -9.57 -21.50
CA ILE B 117 -20.91 -10.09 -20.24
C ILE B 117 -20.97 -9.00 -19.18
N MET B 118 -19.98 -8.10 -19.16
CA MET B 118 -20.03 -6.93 -18.28
C MET B 118 -21.31 -6.15 -18.53
N LYS B 119 -21.59 -5.86 -19.78
CA LYS B 119 -22.75 -5.06 -20.15
C LYS B 119 -24.04 -5.73 -19.66
N ALA B 120 -24.15 -7.04 -19.85
CA ALA B 120 -25.35 -7.79 -19.57
C ALA B 120 -25.64 -7.78 -18.07
N HIS B 121 -24.58 -7.75 -17.26
CA HIS B 121 -24.73 -7.83 -15.81
C HIS B 121 -24.62 -6.45 -15.16
N GLY B 122 -24.61 -5.38 -15.99
CA GLY B 122 -24.56 -4.00 -15.54
C GLY B 122 -23.28 -3.62 -14.78
N VAL B 123 -22.15 -4.25 -15.13
CA VAL B 123 -20.84 -3.89 -14.59
C VAL B 123 -20.13 -3.08 -15.66
N LYS B 124 -20.14 -1.76 -15.54
CA LYS B 124 -19.66 -0.90 -16.61
C LYS B 124 -18.44 -0.09 -16.17
N ASN B 125 -17.50 -0.77 -15.51
CA ASN B 125 -16.31 -0.17 -14.93
C ASN B 125 -15.11 -1.07 -15.21
N LEU B 126 -14.16 -0.61 -16.03
CA LEU B 126 -13.08 -1.42 -16.57
C LEU B 126 -11.75 -0.70 -16.42
N VAL B 127 -10.70 -1.42 -16.02
CA VAL B 127 -9.32 -0.99 -16.19
C VAL B 127 -8.69 -1.98 -17.19
N PHE B 128 -8.22 -1.45 -18.33
CA PHE B 128 -7.62 -2.22 -19.38
C PHE B 128 -6.10 -2.03 -19.40
N SER B 129 -5.37 -3.14 -19.32
CA SER B 129 -3.93 -3.21 -19.46
C SER B 129 -3.52 -2.99 -20.91
N SER B 130 -3.23 -1.78 -21.34
CA SER B 130 -2.78 -1.58 -22.72
C SER B 130 -1.26 -1.52 -22.81
N SER B 131 -0.75 -1.04 -23.94
CA SER B 131 0.68 -1.06 -24.21
C SER B 131 1.04 0.22 -24.95
N ALA B 132 2.18 0.82 -24.62
CA ALA B 132 2.60 2.01 -25.34
C ALA B 132 3.11 1.67 -26.75
N THR B 133 3.14 0.39 -27.12
CA THR B 133 3.40 0.04 -28.53
C THR B 133 2.26 0.51 -29.44
N VAL B 134 1.11 0.88 -28.87
CA VAL B 134 0.02 1.40 -29.69
C VAL B 134 0.36 2.73 -30.35
N TYR B 135 1.40 3.44 -29.85
CA TYR B 135 1.80 4.69 -30.48
C TYR B 135 2.56 4.47 -31.80
N GLY B 136 2.97 3.23 -32.07
CA GLY B 136 3.73 2.94 -33.27
C GLY B 136 5.12 3.56 -33.17
N ASN B 137 5.76 3.81 -34.32
CA ASN B 137 7.09 4.41 -34.35
C ASN B 137 6.98 5.89 -33.91
N PRO B 138 7.75 6.33 -32.89
CA PRO B 138 7.60 7.69 -32.37
C PRO B 138 7.77 8.78 -33.42
N GLN B 139 6.87 9.75 -33.39
CA GLN B 139 6.99 10.91 -34.24
C GLN B 139 7.56 12.06 -33.40
N TYR B 140 7.41 11.99 -32.07
CA TYR B 140 8.06 12.89 -31.13
C TYR B 140 8.31 12.13 -29.82
N LEU B 141 9.19 12.65 -28.97
CA LEU B 141 9.51 12.06 -27.69
C LEU B 141 9.62 13.16 -26.64
N PRO B 142 9.19 12.93 -25.39
CA PRO B 142 8.51 11.70 -24.99
C PRO B 142 7.09 11.55 -25.53
N LEU B 143 6.59 10.31 -25.57
CA LEU B 143 5.24 10.04 -26.07
C LEU B 143 4.21 10.48 -25.04
N ASP B 144 3.33 11.43 -25.39
CA ASP B 144 2.19 11.78 -24.54
C ASP B 144 0.90 11.19 -25.09
N GLU B 145 -0.23 11.40 -24.39
CA GLU B 145 -1.48 10.77 -24.76
C GLU B 145 -2.12 11.41 -26.00
N ALA B 146 -1.58 12.53 -26.49
CA ALA B 146 -2.05 13.15 -27.74
C ALA B 146 -1.33 12.58 -28.98
N HIS B 147 -0.29 11.77 -28.79
CA HIS B 147 0.47 11.20 -29.90
C HIS B 147 -0.45 10.25 -30.68
N PRO B 148 -0.34 10.21 -32.02
CA PRO B 148 -1.16 9.28 -32.80
C PRO B 148 -0.95 7.85 -32.37
N THR B 149 -2.02 7.07 -32.50
CA THR B 149 -1.98 5.64 -32.27
C THR B 149 -2.40 4.90 -33.53
N GLY B 150 -1.94 3.64 -33.60
CA GLY B 150 -2.14 2.80 -34.78
C GLY B 150 -0.83 2.71 -35.57
N GLY B 151 -0.84 1.98 -36.68
CA GLY B 151 0.43 1.84 -37.41
C GLY B 151 1.44 1.00 -36.63
N CYS B 152 0.90 0.00 -35.93
CA CYS B 152 1.67 -0.92 -35.13
C CYS B 152 2.41 -1.88 -36.06
N THR B 153 3.52 -2.46 -35.60
CA THR B 153 4.44 -3.22 -36.43
C THR B 153 4.22 -4.73 -36.32
N ASN B 154 3.28 -5.18 -35.48
CA ASN B 154 3.13 -6.62 -35.25
C ASN B 154 1.73 -6.92 -34.72
N PRO B 155 1.24 -8.18 -34.85
CA PRO B 155 -0.12 -8.51 -34.44
C PRO B 155 -0.45 -8.23 -32.98
N TYR B 156 0.53 -8.45 -32.08
CA TYR B 156 0.30 -8.14 -30.66
C TYR B 156 -0.08 -6.67 -30.49
N GLY B 157 0.71 -5.77 -31.02
CA GLY B 157 0.44 -4.35 -30.88
C GLY B 157 -0.87 -3.94 -31.52
N LYS B 158 -1.14 -4.51 -32.72
CA LYS B 158 -2.39 -4.23 -33.42
C LYS B 158 -3.57 -4.69 -32.54
N SER B 159 -3.46 -5.87 -31.85
CA SER B 159 -4.58 -6.36 -31.06
C SER B 159 -4.89 -5.39 -29.90
N LYS B 160 -3.85 -4.79 -29.30
CA LYS B 160 -4.04 -3.83 -28.21
C LYS B 160 -4.68 -2.54 -28.72
N PHE B 161 -4.26 -2.06 -29.89
CA PHE B 161 -4.85 -0.88 -30.49
C PHE B 161 -6.32 -1.10 -30.81
N PHE B 162 -6.63 -2.26 -31.42
CA PHE B 162 -8.01 -2.55 -31.78
C PHE B 162 -8.92 -2.57 -30.53
N ILE B 163 -8.44 -3.18 -29.44
CA ILE B 163 -9.21 -3.21 -28.20
C ILE B 163 -9.44 -1.79 -27.68
N GLU B 164 -8.39 -0.97 -27.66
CA GLU B 164 -8.58 0.43 -27.26
C GLU B 164 -9.71 1.09 -28.07
N GLU B 165 -9.67 0.89 -29.39
CA GLU B 165 -10.64 1.54 -30.28
C GLU B 165 -12.05 1.06 -29.99
N MET B 166 -12.21 -0.26 -29.74
CA MET B 166 -13.52 -0.79 -29.44
CA MET B 166 -13.52 -0.80 -29.42
C MET B 166 -14.08 -0.18 -28.12
N ILE B 167 -13.20 -0.05 -27.11
CA ILE B 167 -13.63 0.47 -25.83
C ILE B 167 -14.03 1.95 -25.96
N ARG B 168 -13.26 2.71 -26.72
CA ARG B 168 -13.56 4.10 -26.99
C ARG B 168 -14.94 4.27 -27.66
N ASP B 169 -15.27 3.38 -28.61
CA ASP B 169 -16.56 3.44 -29.29
C ASP B 169 -17.71 3.02 -28.36
N LEU B 170 -17.47 1.98 -27.53
CA LEU B 170 -18.45 1.59 -26.53
C LEU B 170 -18.79 2.76 -25.58
N CYS B 171 -17.76 3.48 -25.10
CA CYS B 171 -17.99 4.58 -24.17
C CYS B 171 -18.70 5.76 -24.85
N GLN B 172 -18.46 5.95 -26.15
CA GLN B 172 -19.17 7.01 -26.86
C GLN B 172 -20.66 6.66 -26.98
N ALA B 173 -20.98 5.38 -27.26
CA ALA B 173 -22.37 4.94 -27.39
C ALA B 173 -23.13 4.89 -26.07
N ASP B 174 -22.41 4.76 -24.94
CA ASP B 174 -23.06 4.64 -23.64
C ASP B 174 -22.23 5.40 -22.60
N LYS B 175 -22.71 6.60 -22.28
CA LYS B 175 -21.96 7.51 -21.43
C LYS B 175 -21.90 7.05 -19.98
N THR B 176 -22.64 5.98 -19.61
CA THR B 176 -22.59 5.46 -18.26
C THR B 176 -21.38 4.54 -18.04
N TRP B 177 -20.68 4.14 -19.12
CA TRP B 177 -19.46 3.35 -18.99
C TRP B 177 -18.34 4.23 -18.45
N ASN B 178 -17.52 3.62 -17.59
CA ASN B 178 -16.25 4.20 -17.18
C ASN B 178 -15.15 3.21 -17.52
N ALA B 179 -14.07 3.69 -18.16
CA ALA B 179 -13.01 2.80 -18.57
C ALA B 179 -11.71 3.58 -18.56
N VAL B 180 -10.69 3.02 -17.92
CA VAL B 180 -9.36 3.61 -17.91
C VAL B 180 -8.43 2.68 -18.69
N LEU B 181 -7.81 3.22 -19.74
CA LEU B 181 -6.85 2.50 -20.55
C LEU B 181 -5.45 2.92 -20.11
N LEU B 182 -4.66 1.95 -19.65
CA LEU B 182 -3.33 2.22 -19.13
C LEU B 182 -2.30 1.76 -20.15
N ARG B 183 -1.49 2.70 -20.64
CA ARG B 183 -0.44 2.39 -21.61
C ARG B 183 0.93 2.44 -20.93
N TYR B 184 1.70 1.39 -21.07
CA TYR B 184 3.05 1.47 -20.54
C TYR B 184 3.99 0.62 -21.33
N PHE B 185 5.32 0.75 -21.03
CA PHE B 185 6.26 -0.08 -21.78
C PHE B 185 6.65 -1.33 -21.01
N ASN B 186 7.87 -1.35 -20.44
CA ASN B 186 8.47 -2.61 -20.04
C ASN B 186 8.43 -2.67 -18.52
N PRO B 187 7.52 -3.46 -17.95
CA PRO B 187 7.54 -3.76 -16.53
C PRO B 187 8.80 -4.53 -16.16
N THR B 188 9.46 -4.12 -15.07
CA THR B 188 10.62 -4.85 -14.61
C THR B 188 10.69 -4.85 -13.08
N GLY B 189 11.64 -5.63 -12.56
CA GLY B 189 11.76 -5.78 -11.13
C GLY B 189 10.75 -6.77 -10.55
N ALA B 190 10.58 -6.70 -9.23
CA ALA B 190 9.78 -7.64 -8.49
C ALA B 190 9.43 -7.04 -7.12
N HIS B 191 8.40 -7.60 -6.49
CA HIS B 191 8.08 -7.27 -5.11
C HIS B 191 9.33 -7.40 -4.22
N ALA B 192 9.49 -6.46 -3.27
CA ALA B 192 10.72 -6.35 -2.48
C ALA B 192 11.04 -7.58 -1.61
N SER B 193 10.03 -8.45 -1.36
CA SER B 193 10.25 -9.67 -0.62
C SER B 193 11.17 -10.65 -1.34
N GLY B 194 11.21 -10.53 -2.69
CA GLY B 194 11.91 -11.47 -3.53
C GLY B 194 11.14 -12.78 -3.70
N CYS B 195 9.89 -12.88 -3.23
CA CYS B 195 9.13 -14.10 -3.25
C CYS B 195 8.29 -14.30 -4.52
N ILE B 196 8.02 -13.22 -5.27
CA ILE B 196 7.33 -13.31 -6.55
C ILE B 196 8.07 -12.44 -7.56
N GLY B 197 7.87 -12.74 -8.84
CA GLY B 197 8.52 -12.03 -9.92
C GLY B 197 8.09 -12.62 -11.25
N GLU B 198 8.72 -12.17 -12.34
CA GLU B 198 8.45 -12.71 -13.67
C GLU B 198 9.10 -14.09 -13.78
N ASP B 199 8.33 -15.06 -14.24
CA ASP B 199 8.84 -16.41 -14.40
C ASP B 199 8.63 -16.91 -15.82
N PRO B 200 9.46 -16.48 -16.78
CA PRO B 200 9.34 -16.97 -18.14
C PRO B 200 9.67 -18.44 -18.28
N GLN B 201 8.95 -19.10 -19.19
CA GLN B 201 9.27 -20.45 -19.59
C GLN B 201 10.15 -20.38 -20.84
N GLY B 202 11.25 -21.13 -20.84
CA GLY B 202 12.13 -21.15 -22.01
C GLY B 202 13.05 -19.93 -22.06
N ILE B 203 13.64 -19.71 -23.23
CA ILE B 203 14.59 -18.62 -23.40
C ILE B 203 13.79 -17.32 -23.33
N PRO B 204 14.12 -16.39 -22.39
CA PRO B 204 13.40 -15.14 -22.27
C PRO B 204 13.44 -14.32 -23.55
N ASN B 205 12.30 -13.68 -23.85
CA ASN B 205 12.21 -12.80 -25.00
C ASN B 205 12.78 -11.43 -24.68
N ASN B 206 12.52 -10.96 -23.46
CA ASN B 206 12.79 -9.57 -23.05
C ASN B 206 14.17 -9.47 -22.41
N LEU B 207 14.69 -8.24 -22.45
CA LEU B 207 16.05 -7.94 -22.06
C LEU B 207 16.33 -8.32 -20.61
N MET B 208 15.49 -7.83 -19.70
CA MET B 208 15.85 -7.90 -18.28
C MET B 208 15.79 -9.33 -17.74
N PRO B 209 14.75 -10.16 -18.00
CA PRO B 209 14.84 -11.56 -17.58
C PRO B 209 16.02 -12.30 -18.22
N TYR B 210 16.38 -11.92 -19.46
CA TYR B 210 17.52 -12.54 -20.11
C TYR B 210 18.80 -12.21 -19.32
N VAL B 211 19.00 -10.93 -19.04
CA VAL B 211 20.18 -10.46 -18.34
C VAL B 211 20.27 -11.11 -16.97
N SER B 212 19.15 -11.22 -16.26
CA SER B 212 19.23 -11.80 -14.92
CA SER B 212 19.06 -11.85 -14.95
C SER B 212 19.57 -13.29 -15.01
N GLN B 213 19.16 -13.99 -16.06
CA GLN B 213 19.52 -15.41 -16.22
C GLN B 213 20.98 -15.60 -16.64
N VAL B 214 21.57 -14.62 -17.36
CA VAL B 214 23.00 -14.58 -17.59
C VAL B 214 23.72 -14.47 -16.24
N ALA B 215 23.27 -13.53 -15.42
CA ALA B 215 23.95 -13.27 -14.15
C ALA B 215 23.93 -14.50 -13.24
N ILE B 216 22.81 -15.27 -13.19
CA ILE B 216 22.69 -16.41 -12.29
C ILE B 216 23.42 -17.64 -12.86
N GLY B 217 23.88 -17.59 -14.11
CA GLY B 217 24.69 -18.67 -14.67
C GLY B 217 23.88 -19.59 -15.59
N ARG B 218 22.67 -19.17 -15.98
CA ARG B 218 21.78 -20.03 -16.75
C ARG B 218 22.01 -19.85 -18.25
N ARG B 219 22.42 -18.66 -18.71
CA ARG B 219 22.49 -18.37 -20.14
C ARG B 219 23.89 -17.89 -20.52
N GLU B 220 24.28 -18.19 -21.78
CA GLU B 220 25.61 -17.85 -22.25
C GLU B 220 25.82 -16.36 -22.08
N ALA B 221 25.08 -15.58 -22.88
CA ALA B 221 25.57 -14.24 -23.18
C ALA B 221 24.54 -13.48 -23.99
N LEU B 222 24.33 -12.22 -23.62
CA LEU B 222 23.24 -11.44 -24.16
C LEU B 222 23.49 -11.08 -25.62
N ASN B 223 22.47 -11.26 -26.46
CA ASN B 223 22.47 -10.66 -27.78
C ASN B 223 21.89 -9.25 -27.68
N VAL B 224 22.70 -8.28 -28.13
CA VAL B 224 22.29 -6.90 -28.28
C VAL B 224 21.90 -6.67 -29.73
N PHE B 225 20.61 -6.35 -29.98
CA PHE B 225 20.09 -6.21 -31.33
C PHE B 225 20.44 -4.83 -31.86
N GLY B 226 21.68 -4.67 -32.38
CA GLY B 226 22.12 -3.44 -33.02
C GLY B 226 22.82 -2.50 -32.05
N ASN B 227 23.88 -1.85 -32.55
CA ASN B 227 24.54 -0.79 -31.80
C ASN B 227 24.85 0.39 -32.72
N ASP B 228 24.07 0.59 -33.79
CA ASP B 228 24.26 1.69 -34.73
C ASP B 228 23.00 2.55 -34.80
N TYR B 229 22.20 2.56 -33.71
CA TYR B 229 21.07 3.46 -33.63
C TYR B 229 21.53 4.88 -33.32
N ASP B 230 20.66 5.85 -33.63
CA ASP B 230 20.84 7.26 -33.28
C ASP B 230 20.47 7.44 -31.81
N THR B 231 21.31 6.86 -30.94
CA THR B 231 21.18 7.03 -29.50
C THR B 231 22.57 7.40 -28.99
N GLU B 232 22.68 7.68 -27.69
CA GLU B 232 23.95 8.14 -27.13
C GLU B 232 25.03 7.09 -27.31
N ASP B 233 24.74 5.81 -27.00
CA ASP B 233 25.74 4.74 -27.05
C ASP B 233 25.49 3.78 -28.22
N GLY B 234 24.45 4.05 -29.02
CA GLY B 234 24.15 3.30 -30.22
C GLY B 234 23.17 2.14 -30.01
N THR B 235 22.93 1.75 -28.75
CA THR B 235 21.96 0.69 -28.48
C THR B 235 20.60 1.29 -28.20
N GLY B 236 19.56 0.45 -28.33
CA GLY B 236 18.19 0.92 -28.22
C GLY B 236 17.87 1.47 -26.83
N VAL B 237 17.16 2.60 -26.81
CA VAL B 237 16.72 3.24 -25.58
C VAL B 237 15.23 2.94 -25.41
N ARG B 238 14.93 2.39 -24.25
CA ARG B 238 13.63 1.84 -23.96
C ARG B 238 13.21 2.33 -22.56
N ASP B 239 11.94 2.11 -22.31
CA ASP B 239 11.26 2.63 -21.15
C ASP B 239 10.98 1.46 -20.20
N TYR B 240 11.48 1.58 -18.95
CA TYR B 240 11.42 0.50 -17.93
C TYR B 240 10.73 1.06 -16.69
N ILE B 241 9.68 0.36 -16.20
CA ILE B 241 8.91 0.79 -15.05
C ILE B 241 8.85 -0.36 -14.05
N HIS B 242 9.06 -0.06 -12.75
CA HIS B 242 9.02 -1.12 -11.74
C HIS B 242 7.59 -1.65 -11.65
N VAL B 243 7.46 -2.98 -11.63
CA VAL B 243 6.16 -3.64 -11.63
C VAL B 243 5.35 -3.25 -10.39
N VAL B 244 5.99 -2.94 -9.27
CA VAL B 244 5.25 -2.52 -8.09
C VAL B 244 4.62 -1.14 -8.31
N ASP B 245 5.37 -0.21 -8.93
CA ASP B 245 4.82 1.09 -9.31
C ASP B 245 3.66 0.89 -10.31
N LEU B 246 3.86 0.02 -11.30
CA LEU B 246 2.84 -0.24 -12.29
C LEU B 246 1.57 -0.74 -11.61
N ALA B 247 1.72 -1.75 -10.72
CA ALA B 247 0.58 -2.28 -9.99
C ALA B 247 -0.17 -1.17 -9.22
N LYS B 248 0.56 -0.30 -8.51
CA LYS B 248 -0.06 0.83 -7.84
C LYS B 248 -0.85 1.74 -8.80
N GLY B 249 -0.39 1.89 -10.06
CA GLY B 249 -1.09 2.69 -11.03
C GLY B 249 -2.46 2.10 -11.41
N HIS B 250 -2.58 0.75 -11.34
CA HIS B 250 -3.85 0.07 -11.61
C HIS B 250 -4.84 0.37 -10.48
N ILE B 251 -4.35 0.53 -9.24
CA ILE B 251 -5.20 0.90 -8.12
C ILE B 251 -5.67 2.35 -8.25
N ALA B 252 -4.79 3.28 -8.66
CA ALA B 252 -5.21 4.65 -8.90
C ALA B 252 -6.27 4.70 -10.02
N ALA B 253 -6.13 3.84 -11.02
CA ALA B 253 -7.12 3.74 -12.09
C ALA B 253 -8.49 3.32 -11.53
N LEU B 254 -8.46 2.33 -10.64
CA LEU B 254 -9.68 1.83 -10.02
C LEU B 254 -10.35 2.97 -9.25
N ARG B 255 -9.62 3.82 -8.53
CA ARG B 255 -10.20 5.01 -7.88
C ARG B 255 -10.81 6.01 -8.88
N LYS B 256 -10.16 6.18 -10.04
CA LYS B 256 -10.64 7.11 -11.06
C LYS B 256 -12.03 6.69 -11.54
N LEU B 257 -12.29 5.38 -11.66
CA LEU B 257 -13.58 4.89 -12.08
C LEU B 257 -14.70 5.39 -11.16
N LYS B 258 -14.42 5.48 -9.86
CA LYS B 258 -15.48 5.85 -8.91
C LYS B 258 -15.88 7.32 -9.09
N GLU B 259 -15.02 8.12 -9.72
CA GLU B 259 -15.36 9.49 -10.08
C GLU B 259 -16.36 9.58 -11.25
N GLN B 260 -16.73 8.44 -11.86
CA GLN B 260 -17.59 8.39 -13.03
C GLN B 260 -16.89 9.13 -14.19
N CYS B 261 -15.66 8.70 -14.49
CA CYS B 261 -14.72 9.42 -15.35
C CYS B 261 -15.00 9.26 -16.85
N GLY B 262 -15.91 8.38 -17.27
CA GLY B 262 -16.01 8.06 -18.68
C GLY B 262 -14.74 7.35 -19.17
N CYS B 263 -14.39 7.53 -20.44
CA CYS B 263 -13.21 6.89 -21.02
C CYS B 263 -12.01 7.80 -20.82
N ARG B 264 -10.97 7.31 -20.13
CA ARG B 264 -9.73 8.04 -19.88
C ARG B 264 -8.55 7.16 -20.27
N ILE B 265 -7.47 7.80 -20.72
CA ILE B 265 -6.27 7.13 -21.18
C ILE B 265 -5.07 7.77 -20.49
N TYR B 266 -4.22 6.94 -19.84
CA TYR B 266 -3.03 7.43 -19.17
C TYR B 266 -1.81 6.56 -19.49
N ASN B 267 -0.68 7.22 -19.76
CA ASN B 267 0.61 6.55 -19.75
C ASN B 267 1.05 6.28 -18.31
N LEU B 268 1.64 5.11 -18.08
CA LEU B 268 2.39 4.86 -16.86
C LEU B 268 3.86 4.61 -17.19
N GLY B 269 4.75 5.43 -16.62
CA GLY B 269 6.18 5.29 -16.83
C GLY B 269 6.91 6.17 -15.83
N THR B 270 8.25 6.15 -15.90
CA THR B 270 9.06 7.04 -15.06
C THR B 270 9.34 8.35 -15.76
N GLY B 271 9.26 8.35 -17.10
CA GLY B 271 9.64 9.51 -17.88
C GLY B 271 11.12 9.51 -18.29
N THR B 272 11.91 8.52 -17.88
CA THR B 272 13.32 8.37 -18.17
C THR B 272 13.56 7.08 -18.95
N GLY B 273 14.24 7.20 -20.11
CA GLY B 273 14.63 6.04 -20.91
C GLY B 273 16.07 5.63 -20.63
N TYR B 274 16.37 4.35 -20.83
CA TYR B 274 17.68 3.77 -20.60
C TYR B 274 18.08 2.89 -21.78
N SER B 275 19.38 2.97 -22.15
CA SER B 275 19.89 2.15 -23.25
C SER B 275 20.11 0.71 -22.79
N VAL B 276 20.32 -0.19 -23.74
CA VAL B 276 20.59 -1.57 -23.40
C VAL B 276 21.81 -1.67 -22.49
N LEU B 277 22.88 -0.93 -22.83
CA LEU B 277 24.13 -1.01 -22.07
C LEU B 277 24.00 -0.40 -20.67
N GLN B 278 23.19 0.65 -20.56
CA GLN B 278 22.90 1.20 -19.24
C GLN B 278 22.21 0.17 -18.34
N MET B 279 21.30 -0.63 -18.91
CA MET B 279 20.59 -1.65 -18.15
C MET B 279 21.56 -2.77 -17.73
N VAL B 280 22.40 -3.21 -18.66
CA VAL B 280 23.39 -4.22 -18.37
C VAL B 280 24.30 -3.74 -17.24
N GLN B 281 24.78 -2.49 -17.33
CA GLN B 281 25.65 -1.94 -16.31
C GLN B 281 24.99 -1.95 -14.93
N ALA B 282 23.73 -1.53 -14.85
CA ALA B 282 22.99 -1.47 -13.60
C ALA B 282 22.77 -2.88 -13.03
N MET B 283 22.56 -3.88 -13.90
CA MET B 283 22.42 -5.24 -13.41
C MET B 283 23.75 -5.82 -12.93
N GLU B 284 24.88 -5.41 -13.53
CA GLU B 284 26.19 -5.85 -13.04
C GLU B 284 26.40 -5.30 -11.62
N LYS B 285 26.04 -4.03 -11.43
CA LYS B 285 26.16 -3.40 -10.12
C LYS B 285 25.30 -4.13 -9.10
N ALA B 286 24.05 -4.48 -9.46
CA ALA B 286 23.16 -5.07 -8.48
C ALA B 286 23.58 -6.50 -8.15
N SER B 287 24.03 -7.26 -9.16
CA SER B 287 24.28 -8.69 -9.04
C SER B 287 25.70 -8.98 -8.55
N GLY B 288 26.64 -8.08 -8.85
CA GLY B 288 28.06 -8.31 -8.64
C GLY B 288 28.66 -9.30 -9.64
N LYS B 289 27.97 -9.56 -10.75
CA LYS B 289 28.37 -10.55 -11.74
C LYS B 289 28.66 -9.87 -13.07
N LYS B 290 29.60 -10.43 -13.82
CA LYS B 290 29.80 -10.03 -15.21
C LYS B 290 28.61 -10.51 -16.06
N ILE B 291 28.19 -9.64 -16.98
CA ILE B 291 27.10 -9.97 -17.87
C ILE B 291 27.62 -9.80 -19.29
N PRO B 292 28.24 -10.85 -19.87
CA PRO B 292 28.77 -10.77 -21.23
C PRO B 292 27.69 -10.52 -22.27
N TYR B 293 28.08 -9.86 -23.38
CA TYR B 293 27.14 -9.58 -24.45
C TYR B 293 27.87 -9.58 -25.79
N LYS B 294 27.09 -9.78 -26.85
CA LYS B 294 27.58 -9.63 -28.21
C LYS B 294 26.55 -8.86 -29.03
N VAL B 295 27.06 -8.02 -29.94
CA VAL B 295 26.20 -7.22 -30.79
C VAL B 295 25.86 -8.01 -32.05
N VAL B 296 24.55 -8.14 -32.31
CA VAL B 296 24.05 -8.74 -33.54
C VAL B 296 23.21 -7.72 -34.33
N ALA B 297 22.55 -8.18 -35.41
CA ALA B 297 21.77 -7.27 -36.24
C ALA B 297 20.58 -6.71 -35.45
N ARG B 298 20.13 -5.53 -35.91
CA ARG B 298 18.87 -4.95 -35.50
C ARG B 298 17.71 -5.91 -35.73
N ARG B 299 16.73 -5.85 -34.84
CA ARG B 299 15.52 -6.66 -34.95
C ARG B 299 14.51 -5.85 -35.77
N GLU B 300 13.67 -6.55 -36.53
CA GLU B 300 12.84 -5.90 -37.55
C GLU B 300 11.86 -4.96 -36.85
N GLY B 301 11.79 -3.71 -37.33
CA GLY B 301 10.76 -2.77 -36.90
C GLY B 301 11.14 -1.99 -35.64
N ASP B 302 12.24 -2.39 -34.97
CA ASP B 302 12.75 -1.64 -33.83
C ASP B 302 13.10 -0.22 -34.23
N VAL B 303 12.93 0.69 -33.25
CA VAL B 303 13.30 2.08 -33.44
C VAL B 303 14.40 2.41 -32.42
N ALA B 304 15.06 3.56 -32.65
CA ALA B 304 16.16 3.99 -31.82
C ALA B 304 15.73 4.12 -30.35
N ALA B 305 14.65 4.86 -30.11
CA ALA B 305 14.28 5.27 -28.76
C ALA B 305 12.77 5.39 -28.63
N CYS B 306 12.24 4.96 -27.48
CA CYS B 306 10.84 5.18 -27.17
C CYS B 306 10.68 5.20 -25.67
N TYR B 307 9.99 6.23 -25.19
CA TYR B 307 9.77 6.43 -23.76
C TYR B 307 8.58 7.38 -23.60
N ALA B 308 7.90 7.27 -22.46
CA ALA B 308 6.61 7.91 -22.31
C ALA B 308 6.70 9.14 -21.38
N ASN B 309 5.78 10.10 -21.59
CA ASN B 309 5.56 11.24 -20.73
C ASN B 309 4.48 10.91 -19.70
N PRO B 310 4.80 10.84 -18.38
CA PRO B 310 3.82 10.43 -17.39
C PRO B 310 3.14 11.60 -16.67
N SER B 311 3.22 12.81 -17.26
CA SER B 311 2.71 14.02 -16.62
C SER B 311 1.20 13.97 -16.38
N LEU B 312 0.42 13.42 -17.33
CA LEU B 312 -1.03 13.40 -17.17
C LEU B 312 -1.44 12.48 -16.02
N ALA B 313 -0.78 11.32 -15.87
CA ALA B 313 -1.08 10.43 -14.76
C ALA B 313 -0.72 11.07 -13.41
N GLN B 314 0.39 11.81 -13.40
CA GLN B 314 0.91 12.43 -12.18
C GLN B 314 -0.13 13.41 -11.65
N GLU B 315 -0.84 14.08 -12.54
CA GLU B 315 -1.84 15.08 -12.19
C GLU B 315 -3.16 14.39 -11.83
N GLU B 316 -3.72 13.60 -12.75
CA GLU B 316 -5.12 13.19 -12.66
C GLU B 316 -5.33 11.86 -11.94
N LEU B 317 -4.33 10.98 -11.88
CA LEU B 317 -4.41 9.77 -11.09
C LEU B 317 -3.76 9.93 -9.71
N GLY B 318 -3.01 11.01 -9.47
CA GLY B 318 -2.29 11.16 -8.22
C GLY B 318 -1.15 10.15 -8.09
N TRP B 319 -0.67 9.61 -9.23
CA TRP B 319 0.29 8.52 -9.25
C TRP B 319 1.67 9.00 -9.76
N THR B 320 2.72 8.62 -9.05
CA THR B 320 4.10 8.83 -9.48
C THR B 320 4.83 7.50 -9.24
N ALA B 321 5.72 7.14 -10.19
CA ALA B 321 6.64 6.04 -9.96
C ALA B 321 7.70 6.44 -8.93
N ALA B 322 7.85 5.61 -7.89
CA ALA B 322 8.76 5.90 -6.78
C ALA B 322 10.10 5.19 -6.90
N LEU B 323 10.16 4.10 -7.70
CA LEU B 323 11.30 3.21 -7.73
C LEU B 323 12.15 3.42 -8.98
N GLY B 324 13.45 3.72 -8.79
CA GLY B 324 14.36 3.96 -9.90
C GLY B 324 15.13 2.72 -10.35
N LEU B 325 16.12 2.97 -11.25
CA LEU B 325 16.84 1.93 -11.94
C LEU B 325 17.49 0.96 -10.96
N ASP B 326 18.23 1.47 -9.97
CA ASP B 326 18.95 0.60 -9.04
C ASP B 326 17.98 -0.32 -8.29
N ARG B 327 16.84 0.20 -7.84
CA ARG B 327 15.78 -0.59 -7.21
C ARG B 327 15.22 -1.65 -8.14
N MET B 328 14.97 -1.34 -9.41
CA MET B 328 14.48 -2.33 -10.37
C MET B 328 15.45 -3.51 -10.45
N CYS B 329 16.75 -3.19 -10.55
CA CYS B 329 17.74 -4.24 -10.75
C CYS B 329 17.98 -5.06 -9.47
N GLU B 330 18.04 -4.36 -8.33
CA GLU B 330 18.20 -5.03 -7.04
C GLU B 330 17.04 -6.00 -6.78
N ASP B 331 15.82 -5.55 -7.06
CA ASP B 331 14.62 -6.35 -6.78
C ASP B 331 14.48 -7.51 -7.77
N LEU B 332 14.88 -7.33 -9.03
CA LEU B 332 14.97 -8.45 -9.97
C LEU B 332 16.02 -9.47 -9.48
N TRP B 333 17.18 -8.98 -9.08
CA TRP B 333 18.28 -9.85 -8.68
C TRP B 333 17.90 -10.68 -7.45
N ARG B 334 17.23 -10.03 -6.46
CA ARG B 334 16.76 -10.72 -5.27
C ARG B 334 15.83 -11.88 -5.63
N TRP B 335 14.82 -11.62 -6.48
CA TRP B 335 13.90 -12.63 -6.97
C TRP B 335 14.65 -13.76 -7.65
N GLN B 336 15.62 -13.39 -8.51
CA GLN B 336 16.38 -14.37 -9.26
C GLN B 336 17.23 -15.28 -8.36
N LYS B 337 17.88 -14.68 -7.34
CA LYS B 337 18.82 -15.38 -6.47
C LYS B 337 18.10 -16.24 -5.44
N GLN B 338 16.93 -15.77 -4.97
CA GLN B 338 16.13 -16.50 -4.02
C GLN B 338 15.36 -17.64 -4.70
N ASN B 339 15.16 -17.53 -6.02
CA ASN B 339 14.37 -18.47 -6.82
C ASN B 339 15.12 -18.74 -8.13
N PRO B 340 16.29 -19.41 -8.09
CA PRO B 340 17.12 -19.59 -9.28
C PRO B 340 16.41 -20.25 -10.46
N SER B 341 15.39 -21.09 -10.20
CA SER B 341 14.60 -21.68 -11.27
C SER B 341 13.15 -21.18 -11.27
N GLY B 342 12.89 -20.02 -10.67
CA GLY B 342 11.55 -19.44 -10.61
C GLY B 342 10.68 -20.15 -9.58
N PHE B 343 9.38 -20.30 -9.90
CA PHE B 343 8.44 -20.94 -8.99
C PHE B 343 8.68 -22.45 -8.96
N GLY B 344 9.21 -23.04 -10.03
CA GLY B 344 9.37 -24.49 -10.11
C GLY B 344 10.76 -24.93 -9.65
N SER B 345 11.08 -26.22 -9.87
CA SER B 345 12.25 -26.85 -9.27
C SER B 345 13.52 -26.59 -10.11
#